data_3DL9
#
_entry.id   3DL9
#
_cell.length_a   137.303
_cell.length_b   163.040
_cell.length_c   152.588
_cell.angle_alpha   90.000
_cell.angle_beta   90.000
_cell.angle_gamma   90.000
#
_symmetry.space_group_name_H-M   'C 2 2 21'
#
loop_
_entity.id
_entity.type
_entity.pdbx_description
1 polymer 'Cytochrome P450 2R1'
2 branched Cycloheptakis-(1-4)-(alpha-D-glucopyranose)
3 non-polymer 'PROTOPORPHYRIN IX CONTAINING FE'
4 non-polymer (1S,3R,5Z,7E,22E)-9,10-secoergosta-5,7,10,22-tetraene-1,3-diol
5 water water
#
_entity_poly.entity_id   1
_entity_poly.type   'polypeptide(L)'
_entity_poly.pdbx_seq_one_letter_code
;MAKKTKQRRPMGFPPGPPGLPFIGNIYSLAASSELPHVYMRKQSQVYGEIFSLDLGGISTVVLNGYDVVKECLVHQSEIF
ADRPCLPLFMKMTKMGGLLNSRYGRGWVDHRRLAVNSFRYFGYGQKSFESKILEETKFFNDAIETYKGRPFDFKQLITNA
VSNITNLIIFGERFTYEDTDFQHMIELFSENVELAASASVFLYNAFPWIGILPFGKHQQLFRNAAVVYDFLSRLIEKASV
NRKPQLPQHFVDAYLDEMDQGKNDPSSTFSKENLIFSVGELIIAGTETTTNVLRWAILFMALYPNIQGQVQKEIDLIMGP
NGKPSWDDKCKMPYTEAVLHEVLRFCNIVPLGIFHATSEDAVVRGYSIPKGTTVITNLYSVHFDEKYWRDPEVFHPERFL
DSSGYFAKKEALVPFSLGRRHCLGEHLARMEMFLFFTALLQRFHLHFPHELVPDLKPRLGMTLQPQPYLICAERRHHHH
;
_entity_poly.pdbx_strand_id   A,B
#
loop_
_chem_comp.id
_chem_comp.type
_chem_comp.name
_chem_comp.formula
GLC D-saccharide, alpha linking alpha-D-glucopyranose 'C6 H12 O6'
HEM non-polymer 'PROTOPORPHYRIN IX CONTAINING FE' 'C34 H32 Fe N4 O4'
V2H non-polymer (1S,3R,5Z,7E,22E)-9,10-secoergosta-5,7,10,22-tetraene-1,3-diol 'C28 H44 O2'
#
# COMPACT_ATOMS: atom_id res chain seq x y z
N GLY A 12 -26.78 32.98 -21.19
CA GLY A 12 -26.39 32.38 -19.88
C GLY A 12 -25.33 31.31 -20.06
N PHE A 13 -25.65 30.08 -19.69
CA PHE A 13 -24.70 28.98 -19.72
C PHE A 13 -24.52 28.53 -21.17
N PRO A 14 -23.31 28.05 -21.54
CA PRO A 14 -23.12 27.62 -22.92
C PRO A 14 -24.00 26.43 -23.29
N PRO A 15 -24.46 26.37 -24.54
CA PRO A 15 -25.31 25.28 -24.99
C PRO A 15 -24.49 24.04 -25.20
N GLY A 16 -25.15 22.92 -25.51
CA GLY A 16 -24.42 21.70 -25.83
C GLY A 16 -25.34 20.54 -26.11
N PRO A 17 -24.76 19.37 -26.44
CA PRO A 17 -25.59 18.27 -26.82
C PRO A 17 -26.43 17.77 -25.65
N PRO A 18 -27.65 17.29 -25.95
CA PRO A 18 -28.45 16.66 -24.90
C PRO A 18 -28.07 15.18 -24.71
N GLY A 19 -28.40 14.66 -23.53
CA GLY A 19 -28.33 13.23 -23.27
C GLY A 19 -29.35 12.88 -22.20
N LEU A 20 -29.26 11.67 -21.67
CA LEU A 20 -30.33 11.09 -20.83
C LEU A 20 -30.38 11.77 -19.46
N PRO A 21 -31.55 11.80 -18.80
CA PRO A 21 -31.59 12.31 -17.42
C PRO A 21 -30.72 11.49 -16.46
N PHE A 22 -30.33 12.12 -15.33
CA PHE A 22 -29.42 11.52 -14.34
C PHE A 22 -27.93 11.56 -14.83
N ILE A 23 -27.64 10.77 -15.88
CA ILE A 23 -26.29 10.55 -16.38
C ILE A 23 -25.80 11.55 -17.45
N GLY A 24 -26.73 12.33 -18.00
CA GLY A 24 -26.37 13.36 -18.96
C GLY A 24 -25.56 12.85 -20.14
N ASN A 25 -24.47 13.56 -20.43
CA ASN A 25 -23.62 13.25 -21.57
C ASN A 25 -22.57 12.20 -21.28
N ILE A 26 -22.51 11.70 -20.05
CA ILE A 26 -21.70 10.50 -19.81
C ILE A 26 -22.16 9.41 -20.80
N TYR A 27 -23.46 9.35 -21.06
CA TYR A 27 -24.01 8.42 -22.05
C TYR A 27 -23.43 8.69 -23.45
N SER A 28 -23.49 9.95 -23.87
CA SER A 28 -22.97 10.44 -25.18
C SER A 28 -21.50 10.07 -25.45
N LEU A 29 -20.60 10.50 -24.56
CA LEU A 29 -19.19 10.11 -24.62
C LEU A 29 -19.08 8.61 -24.70
N ALA A 30 -19.77 7.89 -23.81
CA ALA A 30 -19.70 6.42 -23.73
C ALA A 30 -20.20 5.74 -25.01
N ALA A 31 -21.36 6.18 -25.49
CA ALA A 31 -21.99 5.66 -26.71
C ALA A 31 -21.24 5.99 -28.02
N SER A 32 -20.33 6.97 -27.98
CA SER A 32 -19.57 7.40 -29.17
C SER A 32 -18.54 6.32 -29.60
N SER A 33 -18.34 6.22 -30.90
CA SER A 33 -17.23 5.43 -31.49
C SER A 33 -15.93 6.16 -31.30
N GLU A 34 -16.04 7.48 -31.14
CA GLU A 34 -14.92 8.36 -31.06
C GLU A 34 -14.39 8.42 -29.65
N LEU A 35 -13.10 8.71 -29.53
CA LEU A 35 -12.51 9.02 -28.24
C LEU A 35 -13.01 10.42 -27.84
N PRO A 36 -13.03 10.71 -26.52
CA PRO A 36 -13.66 11.91 -26.00
C PRO A 36 -13.24 13.23 -26.65
N HIS A 37 -11.96 13.40 -26.89
CA HIS A 37 -11.45 14.67 -27.47
C HIS A 37 -11.94 14.86 -28.90
N VAL A 38 -12.09 13.75 -29.62
CA VAL A 38 -12.62 13.73 -30.99
C VAL A 38 -14.11 14.03 -30.96
N TYR A 39 -14.82 13.30 -30.10
CA TYR A 39 -16.23 13.59 -29.81
C TYR A 39 -16.48 15.06 -29.54
N MET A 40 -15.66 15.65 -28.69
CA MET A 40 -15.86 17.04 -28.29
C MET A 40 -15.59 18.01 -29.42
N ARG A 41 -14.61 17.67 -30.25
CA ARG A 41 -14.25 18.53 -31.35
C ARG A 41 -15.42 18.58 -32.33
N LYS A 42 -15.96 17.39 -32.63
CA LYS A 42 -17.14 17.27 -33.49
C LYS A 42 -18.32 18.06 -32.95
N GLN A 43 -18.59 17.95 -31.65
CA GLN A 43 -19.66 18.72 -31.05
C GLN A 43 -19.41 20.22 -31.13
N SER A 44 -18.17 20.68 -31.13
CA SER A 44 -17.92 22.14 -31.22
C SER A 44 -18.26 22.68 -32.63
N GLN A 45 -18.17 21.80 -33.62
CA GLN A 45 -18.61 22.14 -34.97
C GLN A 45 -20.14 22.39 -35.04
N VAL A 46 -20.91 21.83 -34.11
CA VAL A 46 -22.37 22.07 -34.01
C VAL A 46 -22.67 23.18 -32.99
N TYR A 47 -22.02 23.15 -31.84
CA TYR A 47 -22.42 24.05 -30.73
C TYR A 47 -21.51 25.24 -30.53
N GLY A 48 -20.39 25.27 -31.23
CA GLY A 48 -19.45 26.39 -31.11
C GLY A 48 -18.19 26.01 -30.33
N GLU A 49 -17.22 26.92 -30.33
CA GLU A 49 -15.92 26.72 -29.70
C GLU A 49 -16.04 26.49 -28.21
N ILE A 50 -16.99 27.16 -27.58
CA ILE A 50 -17.25 26.93 -26.17
C ILE A 50 -18.66 26.35 -25.98
N PHE A 51 -18.73 25.08 -25.56
CA PHE A 51 -20.02 24.39 -25.32
C PHE A 51 -20.00 23.64 -24.00
N SER A 52 -21.13 23.07 -23.60
CA SER A 52 -21.23 22.46 -22.29
C SER A 52 -21.68 21.03 -22.35
N LEU A 53 -21.28 20.29 -21.33
CA LEU A 53 -21.63 18.91 -21.17
C LEU A 53 -22.18 18.75 -19.75
N ASP A 54 -23.12 17.81 -19.57
CA ASP A 54 -23.57 17.47 -18.25
C ASP A 54 -23.08 16.08 -17.96
N LEU A 55 -22.14 15.97 -17.04
CA LEU A 55 -21.52 14.70 -16.77
C LEU A 55 -22.11 14.18 -15.46
N GLY A 56 -23.25 13.49 -15.61
CA GLY A 56 -24.04 12.97 -14.49
C GLY A 56 -24.44 14.03 -13.48
N GLY A 57 -24.69 15.23 -13.95
CA GLY A 57 -25.10 16.31 -13.06
C GLY A 57 -23.97 17.21 -12.67
N ILE A 58 -22.73 16.85 -13.01
CA ILE A 58 -21.62 17.81 -12.90
C ILE A 58 -21.61 18.64 -14.19
N SER A 59 -21.82 19.95 -14.04
CA SER A 59 -21.83 20.83 -15.19
C SER A 59 -20.39 21.22 -15.56
N THR A 60 -20.14 21.14 -16.85
CA THR A 60 -18.80 21.10 -17.44
C THR A 60 -18.85 21.93 -18.71
N VAL A 61 -17.92 22.87 -18.89
CA VAL A 61 -17.80 23.52 -20.21
C VAL A 61 -16.53 23.04 -20.89
N VAL A 62 -16.58 22.90 -22.21
CA VAL A 62 -15.42 22.44 -23.02
C VAL A 62 -14.94 23.59 -23.88
N LEU A 63 -13.63 23.85 -23.86
CA LEU A 63 -13.02 24.93 -24.65
C LEU A 63 -12.34 24.30 -25.87
N ASN A 64 -12.74 24.73 -27.07
CA ASN A 64 -12.27 24.13 -28.34
C ASN A 64 -11.64 25.17 -29.26
N GLY A 65 -10.53 24.78 -29.87
CA GLY A 65 -9.77 25.69 -30.73
C GLY A 65 -8.87 26.62 -29.95
N TYR A 66 -7.87 27.15 -30.65
CA TYR A 66 -6.85 27.98 -30.01
C TYR A 66 -7.39 29.26 -29.36
N ASP A 67 -8.27 29.99 -30.05
CA ASP A 67 -8.70 31.30 -29.57
C ASP A 67 -9.41 31.24 -28.22
N VAL A 68 -10.36 30.33 -28.07
CA VAL A 68 -11.13 30.28 -26.82
C VAL A 68 -10.25 29.76 -25.70
N VAL A 69 -9.39 28.78 -26.00
CA VAL A 69 -8.46 28.24 -25.00
C VAL A 69 -7.50 29.35 -24.48
N LYS A 70 -6.93 30.13 -25.40
CA LYS A 70 -6.08 31.27 -25.03
C LYS A 70 -6.87 32.33 -24.25
N GLU A 71 -8.11 32.57 -24.66
CA GLU A 71 -8.93 33.62 -24.04
C GLU A 71 -9.21 33.34 -22.56
N CYS A 72 -9.31 32.07 -22.22
CA CYS A 72 -9.56 31.69 -20.85
C CYS A 72 -8.29 31.52 -20.06
N LEU A 73 -7.43 30.59 -20.50
CA LEU A 73 -6.23 30.26 -19.74
C LEU A 73 -5.18 31.36 -19.73
N VAL A 74 -5.22 32.27 -20.69
CA VAL A 74 -4.26 33.37 -20.72
C VAL A 74 -4.89 34.71 -20.41
N HIS A 75 -5.94 35.11 -21.12
CA HIS A 75 -6.49 36.47 -20.95
C HIS A 75 -7.16 36.60 -19.59
N GLN A 76 -7.80 35.51 -19.16
CA GLN A 76 -8.42 35.38 -17.82
C GLN A 76 -7.68 34.31 -16.94
N SER A 77 -6.36 34.39 -16.91
CA SER A 77 -5.53 33.33 -16.32
C SER A 77 -5.89 32.97 -14.87
N GLU A 78 -6.20 33.98 -14.06
CA GLU A 78 -6.54 33.76 -12.63
C GLU A 78 -7.90 33.10 -12.47
N ILE A 79 -8.85 33.54 -13.28
CA ILE A 79 -10.20 33.00 -13.21
C ILE A 79 -10.24 31.49 -13.53
N PHE A 80 -9.43 31.06 -14.50
CA PHE A 80 -9.44 29.64 -14.95
C PHE A 80 -8.27 28.78 -14.43
N ALA A 81 -7.59 29.27 -13.38
CA ALA A 81 -6.39 28.61 -12.87
C ALA A 81 -6.70 27.50 -11.88
N ASP A 82 -7.97 27.22 -11.64
CA ASP A 82 -8.34 26.37 -10.52
C ASP A 82 -8.50 24.94 -10.97
N ARG A 83 -8.58 24.01 -10.00
CA ARG A 83 -8.95 22.62 -10.26
C ARG A 83 -10.34 22.34 -9.72
N PRO A 84 -11.06 21.43 -10.36
CA PRO A 84 -12.41 21.05 -9.94
C PRO A 84 -12.44 20.07 -8.77
N CYS A 85 -13.43 20.19 -7.91
CA CYS A 85 -13.55 19.37 -6.71
C CYS A 85 -14.29 18.08 -6.99
N LEU A 86 -13.79 17.32 -7.95
CA LEU A 86 -14.42 16.05 -8.26
C LEU A 86 -14.17 15.13 -7.06
N PRO A 87 -15.17 14.34 -6.64
CA PRO A 87 -14.95 13.34 -5.61
C PRO A 87 -13.60 12.57 -5.69
N LEU A 88 -13.22 12.05 -6.86
CA LEU A 88 -11.95 11.30 -6.98
C LEU A 88 -10.77 12.15 -6.51
N PHE A 89 -10.68 13.38 -6.99
CA PHE A 89 -9.57 14.27 -6.63
C PHE A 89 -9.55 14.63 -5.14
N MET A 90 -10.72 14.86 -4.55
CA MET A 90 -10.82 15.04 -3.11
C MET A 90 -10.36 13.82 -2.32
N LYS A 91 -10.73 12.65 -2.77
CA LYS A 91 -10.34 11.44 -2.10
C LYS A 91 -8.83 11.25 -2.17
N MET A 92 -8.28 11.37 -3.38
CA MET A 92 -6.88 11.06 -3.60
C MET A 92 -5.97 12.04 -2.86
N THR A 93 -6.18 13.34 -3.04
CA THR A 93 -5.26 14.37 -2.55
C THR A 93 -5.88 15.54 -1.76
N LYS A 94 -7.16 15.44 -1.43
CA LYS A 94 -7.85 16.48 -0.65
C LYS A 94 -7.70 17.87 -1.29
N MET A 95 -7.48 17.90 -2.61
CA MET A 95 -7.16 19.13 -3.37
C MET A 95 -5.97 19.93 -2.80
N GLY A 96 -4.98 19.21 -2.26
CA GLY A 96 -3.71 19.83 -1.89
C GLY A 96 -2.65 19.39 -2.87
N GLY A 97 -1.41 19.30 -2.40
CA GLY A 97 -0.29 18.97 -3.26
C GLY A 97 -0.03 20.06 -4.28
N LEU A 98 0.21 19.65 -5.53
CA LEU A 98 0.58 20.57 -6.60
C LEU A 98 -0.37 20.47 -7.80
N LEU A 99 -0.39 19.31 -8.43
CA LEU A 99 -1.08 19.15 -9.72
C LEU A 99 -2.59 19.37 -9.65
N ASN A 100 -3.24 18.79 -8.64
CA ASN A 100 -4.68 19.00 -8.42
C ASN A 100 -4.96 19.91 -7.24
N SER A 101 -3.96 20.65 -6.80
CA SER A 101 -4.16 21.65 -5.77
C SER A 101 -5.16 22.68 -6.24
N ARG A 102 -5.98 23.21 -5.34
CA ARG A 102 -6.80 24.38 -5.64
C ARG A 102 -5.88 25.54 -5.92
N TYR A 103 -6.34 26.49 -6.72
CA TYR A 103 -5.59 27.73 -6.92
C TYR A 103 -5.57 28.49 -5.63
N GLY A 104 -4.40 28.66 -5.04
CA GLY A 104 -4.28 29.39 -3.80
C GLY A 104 -2.87 29.39 -3.30
N ARG A 105 -2.72 29.83 -2.06
CA ARG A 105 -1.42 29.83 -1.40
C ARG A 105 -0.75 28.45 -1.41
N GLY A 106 -1.52 27.39 -1.18
CA GLY A 106 -0.95 26.04 -1.20
C GLY A 106 -0.25 25.71 -2.50
N TRP A 107 -0.93 26.05 -3.58
CA TRP A 107 -0.44 25.83 -4.93
C TRP A 107 0.78 26.69 -5.21
N VAL A 108 0.70 27.98 -4.89
CA VAL A 108 1.85 28.87 -5.04
C VAL A 108 3.09 28.33 -4.33
N ASP A 109 2.91 27.90 -3.08
CA ASP A 109 4.01 27.35 -2.29
C ASP A 109 4.67 26.14 -2.93
N HIS A 110 3.85 25.15 -3.33
CA HIS A 110 4.36 23.89 -3.90
C HIS A 110 4.86 24.06 -5.33
N ARG A 111 4.18 24.91 -6.10
CA ARG A 111 4.63 25.25 -7.45
C ARG A 111 6.01 25.90 -7.38
N ARG A 112 6.11 26.99 -6.63
CA ARG A 112 7.37 27.70 -6.52
C ARG A 112 8.50 26.76 -6.15
N LEU A 113 8.28 25.92 -5.13
CA LEU A 113 9.31 24.99 -4.67
C LEU A 113 9.76 24.01 -5.75
N ALA A 114 8.80 23.46 -6.49
CA ALA A 114 9.06 22.53 -7.57
C ALA A 114 9.84 23.19 -8.69
N VAL A 115 9.40 24.38 -9.11
CA VAL A 115 10.06 25.13 -10.19
C VAL A 115 11.51 25.35 -9.81
N ASN A 116 11.73 25.94 -8.63
CA ASN A 116 13.09 26.17 -8.11
C ASN A 116 13.91 24.90 -7.95
N SER A 117 13.26 23.82 -7.54
CA SER A 117 13.98 22.58 -7.31
C SER A 117 14.45 22.00 -8.62
N PHE A 118 13.63 22.12 -9.65
CA PHE A 118 13.99 21.55 -10.94
C PHE A 118 15.13 22.30 -11.59
N ARG A 119 15.17 23.63 -11.46
CA ARG A 119 16.34 24.41 -11.90
C ARG A 119 17.58 24.07 -11.10
N TYR A 120 17.43 24.09 -9.78
CA TYR A 120 18.57 24.05 -8.90
C TYR A 120 19.21 22.69 -8.87
N PHE A 121 18.41 21.66 -8.64
CA PHE A 121 18.93 20.29 -8.60
C PHE A 121 19.02 19.65 -9.98
N GLY A 122 18.47 20.33 -10.99
CA GLY A 122 18.40 19.77 -12.32
C GLY A 122 19.20 20.53 -13.35
N TYR A 123 18.50 21.09 -14.32
CA TYR A 123 19.15 21.65 -15.50
C TYR A 123 19.92 22.94 -15.24
N GLY A 124 19.73 23.55 -14.07
CA GLY A 124 20.52 24.72 -13.71
C GLY A 124 21.98 24.40 -13.43
N GLN A 125 22.30 23.12 -13.26
CA GLN A 125 23.66 22.68 -12.97
C GLN A 125 24.40 22.15 -14.18
N LYS A 126 25.63 22.64 -14.37
CA LYS A 126 26.51 22.26 -15.49
C LYS A 126 26.58 20.73 -15.70
N SER A 127 26.62 19.96 -14.61
CA SER A 127 26.80 18.51 -14.73
C SER A 127 25.54 17.71 -15.12
N PHE A 128 24.38 18.36 -15.23
CA PHE A 128 23.11 17.64 -15.38
C PHE A 128 22.92 16.96 -16.72
N GLU A 129 23.26 17.66 -17.80
CA GLU A 129 23.06 17.13 -19.13
C GLU A 129 23.75 15.77 -19.29
N SER A 130 24.88 15.58 -18.62
CA SER A 130 25.63 14.33 -18.74
C SER A 130 25.01 13.20 -17.93
N LYS A 131 24.26 13.57 -16.89
CA LYS A 131 23.45 12.60 -16.15
C LYS A 131 22.34 12.06 -17.07
N ILE A 132 21.78 12.94 -17.91
CA ILE A 132 20.83 12.46 -18.91
C ILE A 132 21.54 11.52 -19.90
N LEU A 133 22.70 11.95 -20.38
CA LEU A 133 23.45 11.12 -21.35
C LEU A 133 23.84 9.77 -20.76
N GLU A 134 24.19 9.74 -19.48
CA GLU A 134 24.49 8.45 -18.84
C GLU A 134 23.28 7.55 -18.96
N GLU A 135 22.09 8.14 -18.73
CA GLU A 135 20.86 7.38 -18.78
C GLU A 135 20.59 6.84 -20.19
N THR A 136 20.94 7.63 -21.21
CA THR A 136 20.84 7.12 -22.60
C THR A 136 21.80 5.93 -22.84
N LYS A 137 23.01 5.97 -22.26
CA LYS A 137 23.95 4.83 -22.38
C LYS A 137 23.32 3.59 -21.72
N PHE A 138 22.84 3.71 -20.48
CA PHE A 138 22.15 2.57 -19.80
C PHE A 138 21.03 2.03 -20.64
N PHE A 139 20.30 2.96 -21.24
CA PHE A 139 19.11 2.67 -22.00
C PHE A 139 19.49 1.96 -23.29
N ASN A 140 20.36 2.59 -24.09
CA ASN A 140 20.81 2.02 -25.36
C ASN A 140 21.48 0.67 -25.16
N ASP A 141 22.33 0.56 -24.14
CA ASP A 141 22.93 -0.72 -23.78
C ASP A 141 21.90 -1.79 -23.53
N ALA A 142 20.83 -1.45 -22.80
CA ALA A 142 19.73 -2.39 -22.56
C ALA A 142 19.10 -2.81 -23.88
N ILE A 143 18.92 -1.85 -24.80
CA ILE A 143 18.33 -2.15 -26.11
C ILE A 143 19.20 -3.12 -26.91
N GLU A 144 20.51 -2.90 -26.87
CA GLU A 144 21.47 -3.73 -27.58
C GLU A 144 21.44 -5.19 -27.09
N THR A 145 21.14 -5.41 -25.81
CA THR A 145 21.17 -6.77 -25.26
C THR A 145 20.19 -7.72 -25.95
N TYR A 146 19.14 -7.16 -26.55
CA TYR A 146 18.17 -7.97 -27.32
C TYR A 146 18.70 -8.41 -28.69
N LYS A 147 19.84 -7.85 -29.09
CA LYS A 147 20.55 -8.25 -30.31
C LYS A 147 19.61 -8.22 -31.52
N GLY A 148 18.88 -7.12 -31.68
CA GLY A 148 18.01 -6.95 -32.85
C GLY A 148 16.72 -7.76 -32.90
N ARG A 149 16.51 -8.65 -31.93
CA ARG A 149 15.27 -9.42 -31.81
C ARG A 149 14.13 -8.47 -31.37
N PRO A 150 12.88 -8.77 -31.79
CA PRO A 150 11.74 -7.88 -31.50
C PRO A 150 11.34 -7.82 -30.03
N PHE A 151 11.09 -6.61 -29.53
CA PHE A 151 10.61 -6.43 -28.13
C PHE A 151 9.84 -5.12 -27.88
N ASP A 152 9.16 -5.05 -26.73
CA ASP A 152 8.37 -3.86 -26.35
C ASP A 152 9.22 -2.89 -25.53
N PHE A 153 9.37 -1.68 -26.03
CA PHE A 153 10.20 -0.66 -25.40
C PHE A 153 9.60 -0.04 -24.17
N LYS A 154 8.31 -0.24 -23.95
CA LYS A 154 7.60 0.49 -22.89
C LYS A 154 8.34 0.54 -21.56
N GLN A 155 8.81 -0.61 -21.11
CA GLN A 155 9.39 -0.74 -19.78
C GLN A 155 10.73 0.01 -19.66
N LEU A 156 11.63 -0.24 -20.61
CA LEU A 156 12.92 0.44 -20.57
C LEU A 156 12.75 1.94 -20.69
N ILE A 157 11.93 2.40 -21.63
CA ILE A 157 11.71 3.84 -21.78
C ILE A 157 11.23 4.43 -20.45
N THR A 158 10.26 3.77 -19.82
CA THR A 158 9.71 4.22 -18.54
C THR A 158 10.79 4.27 -17.48
N ASN A 159 11.56 3.19 -17.36
CA ASN A 159 12.69 3.17 -16.44
C ASN A 159 13.53 4.43 -16.66
N ALA A 160 14.01 4.61 -17.90
CA ALA A 160 14.93 5.69 -18.26
C ALA A 160 14.38 7.08 -17.96
N VAL A 161 13.18 7.36 -18.44
CA VAL A 161 12.61 8.70 -18.26
C VAL A 161 12.38 9.02 -16.78
N SER A 162 11.85 8.03 -16.03
CA SER A 162 11.55 8.23 -14.62
C SER A 162 12.83 8.52 -13.82
N ASN A 163 13.92 7.83 -14.16
CA ASN A 163 15.22 8.15 -13.53
C ASN A 163 15.66 9.59 -13.63
N ILE A 164 15.32 10.28 -14.71
CA ILE A 164 15.77 11.68 -14.80
C ILE A 164 15.15 12.54 -13.68
N THR A 165 13.90 12.30 -13.34
CA THR A 165 13.27 13.09 -12.29
C THR A 165 13.67 12.52 -10.92
N ASN A 166 13.86 11.20 -10.83
CA ASN A 166 14.42 10.59 -9.63
C ASN A 166 15.71 11.29 -9.15
N LEU A 167 16.56 11.67 -10.11
CA LEU A 167 17.76 12.46 -9.78
C LEU A 167 17.39 13.73 -9.07
N ILE A 168 16.37 14.43 -9.56
CA ILE A 168 15.95 15.69 -8.95
C ILE A 168 15.21 15.52 -7.63
N ILE A 169 14.35 14.51 -7.53
CA ILE A 169 13.47 14.34 -6.37
C ILE A 169 14.17 13.59 -5.25
N PHE A 170 14.88 12.54 -5.62
CA PHE A 170 15.52 11.64 -4.66
C PHE A 170 17.04 11.69 -4.67
N GLY A 171 17.62 12.52 -5.55
CA GLY A 171 19.07 12.60 -5.69
C GLY A 171 19.76 11.35 -6.22
N GLU A 172 19.00 10.42 -6.80
CA GLU A 172 19.64 9.24 -7.42
C GLU A 172 18.77 8.64 -8.50
N ARG A 173 19.39 7.81 -9.32
CA ARG A 173 18.71 6.99 -10.27
C ARG A 173 18.53 5.64 -9.63
N PHE A 174 17.55 4.87 -10.10
CA PHE A 174 17.37 3.50 -9.67
C PHE A 174 17.66 2.62 -10.84
N THR A 175 18.08 1.40 -10.56
CA THR A 175 18.60 0.52 -11.60
C THR A 175 17.44 -0.14 -12.31
N TYR A 176 17.67 -0.66 -13.51
CA TYR A 176 16.59 -1.28 -14.26
C TYR A 176 16.23 -2.64 -13.69
N GLU A 177 16.89 -3.05 -12.62
CA GLU A 177 16.45 -4.23 -11.88
C GLU A 177 15.48 -3.89 -10.72
N ASP A 178 15.33 -2.60 -10.39
CA ASP A 178 14.46 -2.17 -9.28
C ASP A 178 12.98 -2.37 -9.58
N THR A 179 12.53 -3.62 -9.54
CA THR A 179 11.17 -3.95 -9.91
C THR A 179 10.14 -3.47 -8.91
N ASP A 180 10.56 -3.14 -7.70
CA ASP A 180 9.62 -2.63 -6.73
C ASP A 180 9.14 -1.24 -7.15
N PHE A 181 10.10 -0.40 -7.53
CA PHE A 181 9.79 0.94 -8.00
C PHE A 181 8.99 0.88 -9.30
N GLN A 182 9.42 -0.01 -10.18
CA GLN A 182 8.75 -0.19 -11.45
C GLN A 182 7.31 -0.58 -11.26
N HIS A 183 7.07 -1.46 -10.29
CA HIS A 183 5.72 -1.91 -9.97
C HIS A 183 4.87 -0.78 -9.41
N MET A 184 5.46 0.10 -8.62
CA MET A 184 4.75 1.29 -8.17
C MET A 184 4.33 2.20 -9.34
N ILE A 185 5.20 2.36 -10.31
CA ILE A 185 4.89 3.21 -11.46
C ILE A 185 3.80 2.58 -12.33
N GLU A 186 3.81 1.26 -12.38
CA GLU A 186 2.83 0.53 -13.16
C GLU A 186 1.42 0.74 -12.60
N LEU A 187 1.28 0.71 -11.29
CA LEU A 187 -0.02 0.89 -10.67
C LEU A 187 -0.47 2.33 -10.82
N PHE A 188 0.49 3.25 -10.81
CA PHE A 188 0.18 4.67 -10.85
C PHE A 188 -0.29 5.04 -12.26
N SER A 189 0.30 4.39 -13.27
CA SER A 189 -0.17 4.55 -14.66
C SER A 189 -1.57 4.04 -14.84
N GLU A 190 -1.86 2.84 -14.36
CA GLU A 190 -3.25 2.35 -14.39
C GLU A 190 -4.18 3.44 -13.88
N ASN A 191 -3.82 4.09 -12.77
CA ASN A 191 -4.68 5.12 -12.20
C ASN A 191 -4.92 6.29 -13.15
N VAL A 192 -3.88 6.74 -13.83
CA VAL A 192 -4.03 7.80 -14.85
C VAL A 192 -4.95 7.33 -15.99
N GLU A 193 -4.89 6.04 -16.34
CA GLU A 193 -5.78 5.50 -17.35
C GLU A 193 -7.22 5.40 -16.86
N LEU A 194 -7.39 4.78 -15.69
CA LEU A 194 -8.71 4.60 -15.08
C LEU A 194 -9.41 5.92 -14.76
N ALA A 195 -8.64 6.99 -14.55
CA ALA A 195 -9.21 8.33 -14.30
C ALA A 195 -10.11 8.79 -15.45
N ALA A 196 -9.88 8.22 -16.64
CA ALA A 196 -10.61 8.61 -17.85
C ALA A 196 -11.80 7.73 -18.16
N SER A 197 -11.99 6.65 -17.38
CA SER A 197 -13.04 5.67 -17.67
C SER A 197 -14.44 6.16 -17.31
N ALA A 198 -15.44 5.60 -18.01
CA ALA A 198 -16.85 5.85 -17.70
C ALA A 198 -17.08 5.61 -16.22
N SER A 199 -16.51 4.51 -15.72
CA SER A 199 -16.66 4.10 -14.31
C SER A 199 -16.36 5.24 -13.35
N VAL A 200 -15.32 6.02 -13.65
CA VAL A 200 -14.89 7.12 -12.77
C VAL A 200 -15.71 8.37 -13.02
N PHE A 201 -16.11 8.59 -14.28
CA PHE A 201 -17.03 9.69 -14.58
C PHE A 201 -18.33 9.52 -13.80
N LEU A 202 -18.80 8.25 -13.70
CA LEU A 202 -19.97 7.90 -12.90
C LEU A 202 -19.69 8.03 -11.40
N TYR A 203 -18.58 7.46 -10.94
CA TYR A 203 -18.19 7.62 -9.55
C TYR A 203 -18.26 9.10 -9.12
N ASN A 204 -17.70 10.01 -9.90
CA ASN A 204 -17.68 11.43 -9.56
C ASN A 204 -19.08 12.03 -9.53
N ALA A 205 -19.94 11.55 -10.43
CA ALA A 205 -21.34 11.99 -10.50
C ALA A 205 -22.13 11.42 -9.31
N PHE A 206 -21.96 10.13 -9.07
CA PHE A 206 -22.67 9.40 -8.02
C PHE A 206 -21.68 8.70 -7.07
N PRO A 207 -21.09 9.47 -6.15
CA PRO A 207 -20.02 8.94 -5.30
C PRO A 207 -20.47 7.81 -4.39
N TRP A 208 -21.76 7.67 -4.18
CA TRP A 208 -22.28 6.55 -3.41
C TRP A 208 -21.92 5.20 -4.06
N ILE A 209 -21.52 5.23 -5.33
CA ILE A 209 -20.99 4.03 -5.99
C ILE A 209 -19.78 3.42 -5.26
N GLY A 210 -19.12 4.20 -4.39
CA GLY A 210 -18.07 3.66 -3.51
C GLY A 210 -18.45 2.48 -2.60
N ILE A 211 -19.74 2.31 -2.31
CA ILE A 211 -20.26 1.15 -1.59
C ILE A 211 -20.08 -0.14 -2.40
N LEU A 212 -20.10 -0.04 -3.73
CA LEU A 212 -19.97 -1.21 -4.59
C LEU A 212 -18.55 -1.73 -4.55
N PRO A 213 -18.37 -3.01 -4.21
CA PRO A 213 -17.03 -3.58 -4.08
C PRO A 213 -16.28 -3.87 -5.38
N PHE A 214 -17.00 -4.01 -6.49
CA PHE A 214 -16.38 -4.34 -7.76
C PHE A 214 -16.29 -3.14 -8.68
N GLY A 215 -15.38 -3.18 -9.63
CA GLY A 215 -15.30 -2.13 -10.62
C GLY A 215 -14.01 -1.39 -10.59
N LYS A 216 -13.79 -0.61 -11.64
CA LYS A 216 -12.54 0.11 -11.85
C LYS A 216 -12.24 1.18 -10.79
N HIS A 217 -13.27 1.67 -10.13
CA HIS A 217 -13.07 2.65 -9.09
C HIS A 217 -12.37 2.04 -7.85
N GLN A 218 -12.72 0.79 -7.49
CA GLN A 218 -12.09 0.10 -6.35
C GLN A 218 -10.64 -0.25 -6.69
N GLN A 219 -10.42 -0.67 -7.92
CA GLN A 219 -9.05 -0.84 -8.44
C GLN A 219 -8.19 0.44 -8.29
N LEU A 220 -8.75 1.58 -8.66
CA LEU A 220 -8.04 2.86 -8.56
C LEU A 220 -7.70 3.17 -7.11
N PHE A 221 -8.68 3.07 -6.22
CA PHE A 221 -8.43 3.35 -4.79
C PHE A 221 -7.41 2.40 -4.17
N ARG A 222 -7.50 1.11 -4.52
CA ARG A 222 -6.56 0.09 -4.04
C ARG A 222 -5.14 0.48 -4.51
N ASN A 223 -5.00 0.67 -5.82
CA ASN A 223 -3.76 1.17 -6.42
C ASN A 223 -3.22 2.41 -5.70
N ALA A 224 -4.11 3.36 -5.44
CA ALA A 224 -3.69 4.63 -4.84
C ALA A 224 -3.10 4.40 -3.46
N ALA A 225 -3.67 3.45 -2.73
CA ALA A 225 -3.19 3.09 -1.40
C ALA A 225 -1.77 2.50 -1.48
N VAL A 226 -1.61 1.45 -2.27
CA VAL A 226 -0.29 0.85 -2.47
C VAL A 226 0.75 1.91 -2.88
N VAL A 227 0.39 2.80 -3.81
CA VAL A 227 1.30 3.86 -4.30
C VAL A 227 1.66 4.84 -3.18
N TYR A 228 0.67 5.24 -2.41
CA TYR A 228 0.89 6.18 -1.30
C TYR A 228 1.92 5.63 -0.27
N ASP A 229 1.81 4.35 0.06
CA ASP A 229 2.66 3.78 1.07
C ASP A 229 4.09 3.75 0.57
N PHE A 230 4.25 3.20 -0.63
CA PHE A 230 5.56 3.09 -1.26
C PHE A 230 6.28 4.42 -1.32
N LEU A 231 5.62 5.42 -1.89
CA LEU A 231 6.18 6.77 -1.98
C LEU A 231 6.58 7.37 -0.63
N SER A 232 5.81 7.14 0.43
CA SER A 232 6.21 7.67 1.72
C SER A 232 7.44 6.92 2.22
N ARG A 233 7.57 5.66 1.86
CA ARG A 233 8.74 4.92 2.29
C ARG A 233 10.01 5.33 1.58
N LEU A 234 9.92 5.57 0.29
CA LEU A 234 10.99 6.21 -0.46
C LEU A 234 11.40 7.56 0.11
N ILE A 235 10.41 8.37 0.45
CA ILE A 235 10.64 9.72 0.96
C ILE A 235 11.40 9.66 2.28
N GLU A 236 11.09 8.67 3.13
CA GLU A 236 11.82 8.45 4.38
C GLU A 236 13.26 8.08 4.07
N LYS A 237 13.46 7.05 3.26
CA LYS A 237 14.80 6.67 2.83
C LYS A 237 15.57 7.85 2.23
N ALA A 238 14.89 8.73 1.52
CA ALA A 238 15.53 9.89 0.89
C ALA A 238 15.92 10.96 1.90
N SER A 239 15.31 10.95 3.07
CA SER A 239 15.55 12.00 4.07
C SER A 239 16.50 11.55 5.19
N VAL A 240 16.82 10.27 5.21
CA VAL A 240 17.68 9.66 6.24
C VAL A 240 18.96 10.51 6.53
N ASN A 241 19.79 10.79 5.51
CA ASN A 241 21.05 11.54 5.74
C ASN A 241 20.89 13.06 5.60
N ARG A 242 19.69 13.56 5.79
CA ARG A 242 19.44 14.95 5.48
C ARG A 242 20.30 15.87 6.33
N LYS A 243 20.92 16.86 5.68
CA LYS A 243 21.60 17.95 6.36
C LYS A 243 20.69 19.19 6.26
N PRO A 244 19.97 19.52 7.35
CA PRO A 244 19.10 20.73 7.38
C PRO A 244 19.69 21.98 6.74
N GLN A 245 18.83 22.73 6.03
CA GLN A 245 19.18 23.94 5.22
C GLN A 245 20.31 23.76 4.16
N LEU A 246 20.75 22.51 3.93
CA LEU A 246 21.68 22.15 2.83
C LEU A 246 21.10 20.93 2.09
N PRO A 247 20.05 21.14 1.27
CA PRO A 247 19.34 20.04 0.62
C PRO A 247 20.09 19.46 -0.56
N GLN A 248 19.95 18.16 -0.77
CA GLN A 248 20.54 17.47 -1.93
C GLN A 248 19.50 17.19 -3.04
N HIS A 249 18.24 17.49 -2.76
CA HIS A 249 17.16 17.17 -3.69
C HIS A 249 15.84 17.76 -3.23
N PHE A 250 14.79 17.52 -4.00
CA PHE A 250 13.49 18.13 -3.75
C PHE A 250 12.93 17.74 -2.38
N VAL A 251 13.11 16.48 -1.98
CA VAL A 251 12.60 16.03 -0.69
C VAL A 251 13.23 16.80 0.47
N ASP A 252 14.58 16.89 0.49
CA ASP A 252 15.29 17.68 1.49
C ASP A 252 14.83 19.14 1.48
N ALA A 253 14.60 19.68 0.27
CA ALA A 253 14.16 21.05 0.12
C ALA A 253 12.80 21.20 0.77
N TYR A 254 11.94 20.20 0.58
CA TYR A 254 10.58 20.23 1.09
C TYR A 254 10.62 20.23 2.61
N LEU A 255 11.43 19.33 3.17
CA LEU A 255 11.62 19.27 4.60
C LEU A 255 12.18 20.59 5.18
N ASP A 256 13.13 21.22 4.49
CA ASP A 256 13.61 22.55 4.86
C ASP A 256 12.45 23.52 4.99
N GLU A 257 11.50 23.41 4.07
CA GLU A 257 10.36 24.31 4.07
C GLU A 257 9.45 24.09 5.27
N MET A 258 9.18 22.83 5.58
CA MET A 258 8.39 22.45 6.74
C MET A 258 9.04 22.93 8.04
N ASP A 259 10.37 22.88 8.10
CA ASP A 259 11.11 23.42 9.25
C ASP A 259 10.92 24.94 9.39
N GLN A 260 11.02 25.67 8.29
CA GLN A 260 10.89 27.15 8.35
C GLN A 260 9.46 27.59 8.62
N GLY A 261 8.48 26.76 8.29
CA GLY A 261 7.09 27.08 8.55
C GLY A 261 6.54 26.39 9.79
N LYS A 262 7.42 25.85 10.64
CA LYS A 262 6.98 25.15 11.87
C LYS A 262 6.10 26.00 12.75
N ASN A 263 6.41 27.29 12.86
CA ASN A 263 5.64 28.19 13.72
C ASN A 263 4.53 28.94 13.01
N ASP A 264 4.54 28.91 11.67
CA ASP A 264 3.38 29.39 10.90
C ASP A 264 2.35 28.27 10.86
N PRO A 265 1.16 28.52 11.43
CA PRO A 265 0.17 27.45 11.41
C PRO A 265 -0.48 27.30 10.03
N SER A 266 -0.62 28.42 9.31
CA SER A 266 -1.19 28.40 7.97
C SER A 266 -0.20 27.91 6.87
N SER A 267 1.06 27.67 7.24
CA SER A 267 1.99 26.94 6.35
C SER A 267 1.30 25.69 5.80
N THR A 268 1.40 25.50 4.48
CA THR A 268 0.63 24.52 3.73
C THR A 268 1.45 23.23 3.47
N PHE A 269 2.75 23.26 3.78
CA PHE A 269 3.62 22.09 3.56
C PHE A 269 3.30 21.05 4.59
N SER A 270 3.26 19.79 4.18
CA SER A 270 2.96 18.73 5.10
C SER A 270 3.56 17.43 4.59
N LYS A 271 3.67 16.45 5.50
CA LYS A 271 4.08 15.09 5.13
C LYS A 271 3.15 14.53 4.04
N GLU A 272 1.85 14.83 4.15
CA GLU A 272 0.85 14.40 3.16
C GLU A 272 1.11 15.05 1.81
N ASN A 273 1.21 16.37 1.82
CA ASN A 273 1.42 17.14 0.61
C ASN A 273 2.76 16.90 -0.06
N LEU A 274 3.73 16.42 0.72
CA LEU A 274 5.01 15.98 0.22
C LEU A 274 4.83 14.70 -0.58
N ILE A 275 4.08 13.75 -0.04
CA ILE A 275 3.77 12.49 -0.79
C ILE A 275 2.95 12.78 -2.04
N PHE A 276 1.99 13.69 -1.93
CA PHE A 276 1.13 13.99 -3.04
C PHE A 276 1.91 14.68 -4.14
N SER A 277 2.70 15.70 -3.79
CA SER A 277 3.39 16.47 -4.83
C SER A 277 4.53 15.65 -5.45
N VAL A 278 5.21 14.83 -4.65
CA VAL A 278 6.23 13.91 -5.20
C VAL A 278 5.58 12.95 -6.19
N GLY A 279 4.48 12.32 -5.81
CA GLY A 279 3.80 11.39 -6.71
C GLY A 279 3.35 12.08 -7.99
N GLU A 280 2.84 13.28 -7.85
CA GLU A 280 2.38 14.04 -9.01
C GLU A 280 3.54 14.36 -9.94
N LEU A 281 4.66 14.79 -9.39
CA LEU A 281 5.85 15.08 -10.19
C LEU A 281 6.38 13.83 -10.91
N ILE A 282 6.44 12.70 -10.20
CA ILE A 282 6.89 11.43 -10.76
C ILE A 282 6.02 10.96 -11.92
N ILE A 283 4.70 10.88 -11.70
CA ILE A 283 3.82 10.35 -12.75
C ILE A 283 3.63 11.32 -13.91
N ALA A 284 3.66 12.62 -13.64
CA ALA A 284 3.52 13.62 -14.70
C ALA A 284 4.69 13.52 -15.66
N GLY A 285 5.89 13.36 -15.13
CA GLY A 285 7.08 13.21 -15.96
C GLY A 285 7.13 11.90 -16.73
N THR A 286 6.82 10.80 -16.05
CA THR A 286 6.98 9.46 -16.59
C THR A 286 5.90 9.10 -17.62
N GLU A 287 4.64 9.31 -17.28
CA GLU A 287 3.55 9.07 -18.22
C GLU A 287 3.74 9.80 -19.52
N THR A 288 3.95 11.10 -19.43
CA THR A 288 3.92 11.92 -20.60
C THR A 288 5.16 11.69 -21.49
N THR A 289 6.35 11.98 -20.97
CA THR A 289 7.56 11.86 -21.80
C THR A 289 7.69 10.45 -22.39
N THR A 290 7.47 9.42 -21.57
CA THR A 290 7.52 8.06 -22.08
C THR A 290 6.68 7.92 -23.33
N ASN A 291 5.46 8.42 -23.28
CA ASN A 291 4.53 8.23 -24.37
C ASN A 291 4.92 9.02 -25.61
N VAL A 292 5.40 10.24 -25.41
CA VAL A 292 5.97 11.00 -26.54
C VAL A 292 7.00 10.20 -27.31
N LEU A 293 7.94 9.58 -26.58
CA LEU A 293 8.96 8.76 -27.20
C LEU A 293 8.38 7.50 -27.81
N ARG A 294 7.38 6.91 -27.18
CA ARG A 294 6.79 5.70 -27.74
C ARG A 294 6.05 6.00 -29.05
N TRP A 295 5.37 7.15 -29.10
CA TRP A 295 4.73 7.58 -30.33
C TRP A 295 5.79 7.86 -31.39
N ALA A 296 6.86 8.54 -31.02
CA ALA A 296 7.88 8.91 -32.01
C ALA A 296 8.55 7.67 -32.61
N ILE A 297 8.96 6.75 -31.76
CA ILE A 297 9.51 5.48 -32.23
C ILE A 297 8.55 4.78 -33.20
N LEU A 298 7.27 4.73 -32.85
CA LEU A 298 6.25 4.08 -33.68
C LEU A 298 6.27 4.68 -35.08
N PHE A 299 6.21 6.00 -35.13
CA PHE A 299 6.16 6.70 -36.40
C PHE A 299 7.46 6.63 -37.19
N MET A 300 8.58 6.51 -36.50
CA MET A 300 9.85 6.40 -37.21
C MET A 300 9.96 5.03 -37.87
N ALA A 301 9.47 3.99 -37.20
CA ALA A 301 9.48 2.65 -37.79
C ALA A 301 8.47 2.56 -38.94
N LEU A 302 7.36 3.29 -38.82
CA LEU A 302 6.31 3.28 -39.84
C LEU A 302 6.69 4.06 -41.09
N TYR A 303 7.43 5.16 -40.92
CA TYR A 303 7.88 6.06 -42.00
C TYR A 303 9.41 6.19 -42.04
N PRO A 304 10.12 5.13 -42.51
CA PRO A 304 11.59 5.12 -42.52
C PRO A 304 12.28 6.25 -43.30
N ASN A 305 11.61 6.84 -44.29
CA ASN A 305 12.21 8.01 -44.95
C ASN A 305 12.33 9.19 -44.02
N ILE A 306 11.43 9.27 -43.06
CA ILE A 306 11.50 10.33 -42.06
C ILE A 306 12.57 9.97 -41.03
N GLN A 307 12.54 8.72 -40.57
CA GLN A 307 13.56 8.21 -39.66
C GLN A 307 14.96 8.49 -40.20
N GLY A 308 15.17 8.13 -41.47
CA GLY A 308 16.47 8.26 -42.13
C GLY A 308 16.88 9.70 -42.34
N GLN A 309 15.91 10.58 -42.55
CA GLN A 309 16.23 11.99 -42.69
C GLN A 309 16.69 12.56 -41.34
N VAL A 310 16.08 12.06 -40.25
CA VAL A 310 16.52 12.44 -38.93
C VAL A 310 17.95 11.94 -38.73
N GLN A 311 18.16 10.65 -38.95
CA GLN A 311 19.50 10.06 -38.86
C GLN A 311 20.56 10.75 -39.75
N LYS A 312 20.18 11.18 -40.95
CA LYS A 312 21.06 11.97 -41.81
C LYS A 312 21.57 13.24 -41.10
N GLU A 313 20.68 13.93 -40.42
CA GLU A 313 21.01 15.13 -39.66
C GLU A 313 21.90 14.83 -38.43
N ILE A 314 21.60 13.73 -37.74
CA ILE A 314 22.41 13.29 -36.60
C ILE A 314 23.84 13.11 -37.08
N ASP A 315 24.01 12.30 -38.11
CA ASP A 315 25.34 12.03 -38.67
C ASP A 315 26.05 13.31 -39.11
N LEU A 316 25.34 14.23 -39.75
CA LEU A 316 25.95 15.49 -40.16
C LEU A 316 26.46 16.29 -38.95
N ILE A 317 25.59 16.44 -37.94
CA ILE A 317 25.82 17.37 -36.85
C ILE A 317 26.51 16.73 -35.64
N MET A 318 26.14 15.50 -35.30
CA MET A 318 26.71 14.83 -34.13
C MET A 318 27.85 13.90 -34.50
N GLY A 319 28.01 13.63 -35.79
CA GLY A 319 28.87 12.53 -36.22
C GLY A 319 28.19 11.22 -35.84
N PRO A 320 28.61 10.11 -36.45
CA PRO A 320 28.01 8.77 -36.09
C PRO A 320 28.43 8.22 -34.69
N ASN A 321 29.27 8.98 -34.00
CA ASN A 321 30.05 8.53 -32.84
C ASN A 321 30.03 9.53 -31.67
N GLY A 322 29.79 10.81 -31.95
CA GLY A 322 29.77 11.88 -30.94
C GLY A 322 28.59 11.85 -29.98
N LYS A 323 28.84 12.34 -28.76
CA LYS A 323 27.86 12.43 -27.69
C LYS A 323 26.84 13.55 -28.04
N PRO A 324 25.56 13.20 -28.12
CA PRO A 324 24.50 14.17 -28.30
C PRO A 324 24.55 15.28 -27.26
N SER A 325 24.21 16.49 -27.70
CA SER A 325 24.18 17.63 -26.81
C SER A 325 22.95 18.49 -27.09
N TRP A 326 22.35 18.98 -26.02
CA TRP A 326 21.23 19.91 -26.08
C TRP A 326 21.58 21.11 -26.96
N ASP A 327 22.86 21.45 -26.94
CA ASP A 327 23.38 22.56 -27.73
C ASP A 327 23.37 22.32 -29.23
N ASP A 328 23.26 21.05 -29.63
CA ASP A 328 23.08 20.70 -31.03
C ASP A 328 21.67 20.98 -31.57
N LYS A 329 20.70 21.21 -30.68
CA LYS A 329 19.29 21.34 -31.08
C LYS A 329 19.08 22.31 -32.23
N CYS A 330 19.73 23.46 -32.16
CA CYS A 330 19.48 24.50 -33.15
C CYS A 330 20.24 24.31 -34.48
N LYS A 331 21.20 23.38 -34.51
CA LYS A 331 21.81 22.87 -35.74
C LYS A 331 21.01 21.66 -36.37
N MET A 332 19.84 21.33 -35.79
CA MET A 332 19.07 20.11 -36.14
C MET A 332 17.57 20.35 -36.28
N PRO A 333 17.16 21.24 -37.19
CA PRO A 333 15.76 21.66 -37.29
C PRO A 333 14.81 20.57 -37.73
N TYR A 334 15.29 19.62 -38.51
CA TYR A 334 14.40 18.56 -38.96
C TYR A 334 14.06 17.63 -37.81
N THR A 335 15.04 17.40 -36.92
CA THR A 335 14.82 16.60 -35.73
C THR A 335 13.84 17.27 -34.80
N GLU A 336 14.03 18.56 -34.55
CA GLU A 336 13.10 19.33 -33.75
C GLU A 336 11.71 19.34 -34.40
N ALA A 337 11.66 19.33 -35.74
CA ALA A 337 10.39 19.35 -36.48
C ALA A 337 9.62 18.05 -36.24
N VAL A 338 10.30 16.93 -36.32
CA VAL A 338 9.66 15.64 -36.12
C VAL A 338 9.07 15.56 -34.73
N LEU A 339 9.83 15.99 -33.74
CA LEU A 339 9.42 15.90 -32.35
C LEU A 339 8.23 16.81 -32.06
N HIS A 340 8.24 18.03 -32.60
CA HIS A 340 7.05 18.87 -32.45
C HIS A 340 5.82 18.31 -33.14
N GLU A 341 6.03 17.61 -34.25
CA GLU A 341 4.92 17.06 -35.00
C GLU A 341 4.33 15.82 -34.32
N VAL A 342 5.16 15.06 -33.61
CA VAL A 342 4.65 13.98 -32.74
C VAL A 342 3.74 14.57 -31.61
N LEU A 343 4.17 15.69 -31.03
CA LEU A 343 3.42 16.34 -29.95
C LEU A 343 2.09 16.81 -30.45
N ARG A 344 2.12 17.53 -31.57
CA ARG A 344 0.91 18.06 -32.25
C ARG A 344 -0.03 16.95 -32.74
N PHE A 345 0.52 15.91 -33.34
CA PHE A 345 -0.29 14.91 -33.99
C PHE A 345 -0.86 13.90 -33.00
N CYS A 346 -0.01 13.40 -32.10
CA CYS A 346 -0.39 12.31 -31.20
C CYS A 346 -1.05 12.76 -29.90
N ASN A 347 -0.84 14.01 -29.52
CA ASN A 347 -1.58 14.60 -28.41
C ASN A 347 -1.54 13.71 -27.17
N ILE A 348 -0.41 13.75 -26.48
CA ILE A 348 -0.16 12.82 -25.39
C ILE A 348 -1.11 13.17 -24.21
N VAL A 349 -1.29 14.46 -23.94
CA VAL A 349 -2.31 14.91 -22.99
C VAL A 349 -3.41 15.63 -23.77
N PRO A 350 -4.36 14.86 -24.34
CA PRO A 350 -5.34 15.42 -25.28
C PRO A 350 -6.29 16.46 -24.70
N LEU A 351 -6.77 16.25 -23.48
CA LEU A 351 -7.73 17.17 -22.83
C LEU A 351 -7.10 17.89 -21.65
N GLY A 352 -5.78 17.98 -21.67
CA GLY A 352 -5.05 18.56 -20.55
C GLY A 352 -5.38 17.88 -19.22
N ILE A 353 -5.30 18.69 -18.17
CA ILE A 353 -5.78 18.36 -16.86
C ILE A 353 -6.97 19.30 -16.68
N PHE A 354 -8.05 18.80 -16.10
CA PHE A 354 -9.28 19.60 -16.02
C PHE A 354 -9.02 20.79 -15.20
N HIS A 355 -9.57 21.93 -15.62
CA HIS A 355 -9.54 23.15 -14.82
C HIS A 355 -10.88 23.39 -14.14
N ALA A 356 -10.98 24.50 -13.40
CA ALA A 356 -12.23 24.96 -12.87
C ALA A 356 -12.14 26.46 -12.69
N THR A 357 -13.30 27.11 -12.64
CA THR A 357 -13.34 28.55 -12.49
C THR A 357 -13.19 28.87 -11.02
N SER A 358 -12.20 29.72 -10.67
CA SER A 358 -12.02 30.15 -9.29
C SER A 358 -13.05 31.19 -8.85
N GLU A 359 -13.73 31.82 -9.81
CA GLU A 359 -14.89 32.68 -9.50
C GLU A 359 -15.88 32.65 -10.65
N ASP A 360 -17.04 33.25 -10.45
CA ASP A 360 -18.01 33.39 -11.56
C ASP A 360 -17.33 34.09 -12.72
N ALA A 361 -17.42 33.48 -13.90
CA ALA A 361 -16.73 34.00 -15.07
C ALA A 361 -17.73 34.27 -16.16
N VAL A 362 -17.38 35.21 -17.04
CA VAL A 362 -18.15 35.46 -18.27
C VAL A 362 -17.16 35.45 -19.41
N VAL A 363 -17.40 34.58 -20.38
CA VAL A 363 -16.50 34.47 -21.49
C VAL A 363 -17.37 34.39 -22.73
N ARG A 364 -17.11 35.32 -23.66
CA ARG A 364 -17.80 35.40 -24.95
C ARG A 364 -19.29 35.46 -24.78
N GLY A 365 -19.74 36.19 -23.77
CA GLY A 365 -21.17 36.35 -23.52
C GLY A 365 -21.81 35.32 -22.61
N TYR A 366 -21.17 34.14 -22.48
CA TYR A 366 -21.69 33.06 -21.66
C TYR A 366 -21.23 33.19 -20.26
N SER A 367 -22.07 32.75 -19.33
CA SER A 367 -21.75 32.75 -17.91
C SER A 367 -21.23 31.38 -17.49
N ILE A 368 -20.19 31.38 -16.67
CA ILE A 368 -19.64 30.15 -16.12
C ILE A 368 -19.50 30.31 -14.60
N PRO A 369 -20.43 29.68 -13.85
CA PRO A 369 -20.39 29.84 -12.40
C PRO A 369 -19.13 29.24 -11.78
N LYS A 370 -18.63 29.90 -10.75
CA LYS A 370 -17.54 29.39 -9.94
C LYS A 370 -17.58 27.88 -9.72
N GLY A 371 -16.46 27.20 -9.93
CA GLY A 371 -16.36 25.75 -9.67
C GLY A 371 -16.74 24.86 -10.85
N THR A 372 -17.32 25.40 -11.91
CA THR A 372 -17.58 24.59 -13.10
C THR A 372 -16.29 23.90 -13.57
N THR A 373 -16.37 22.62 -13.94
CA THR A 373 -15.24 21.94 -14.55
C THR A 373 -15.08 22.57 -15.91
N VAL A 374 -13.83 22.85 -16.29
CA VAL A 374 -13.51 23.42 -17.60
C VAL A 374 -12.45 22.52 -18.24
N ILE A 375 -12.86 21.85 -19.33
CA ILE A 375 -12.00 20.98 -20.11
C ILE A 375 -11.40 21.77 -21.28
N THR A 376 -10.06 21.86 -21.28
CA THR A 376 -9.30 22.45 -22.37
C THR A 376 -8.97 21.31 -23.35
N ASN A 377 -9.61 21.35 -24.52
CA ASN A 377 -9.44 20.32 -25.54
C ASN A 377 -8.23 20.71 -26.35
N LEU A 378 -7.06 20.32 -25.86
CA LEU A 378 -5.78 20.63 -26.51
C LEU A 378 -5.65 19.98 -27.89
N TYR A 379 -6.20 18.78 -28.04
CA TYR A 379 -6.36 18.14 -29.35
C TYR A 379 -6.96 19.08 -30.42
N SER A 380 -8.10 19.67 -30.08
CA SER A 380 -8.80 20.56 -30.99
C SER A 380 -8.01 21.83 -31.32
N VAL A 381 -7.06 22.23 -30.46
CA VAL A 381 -6.14 23.35 -30.77
C VAL A 381 -5.15 22.91 -31.84
N HIS A 382 -4.64 21.70 -31.66
CA HIS A 382 -3.65 21.13 -32.57
C HIS A 382 -4.24 20.76 -33.90
N PHE A 383 -5.57 20.63 -33.95
CA PHE A 383 -6.28 20.38 -35.20
C PHE A 383 -7.14 21.57 -35.61
N ASP A 384 -6.85 22.74 -35.06
CA ASP A 384 -7.60 23.93 -35.40
C ASP A 384 -7.23 24.39 -36.80
N GLU A 385 -8.18 24.27 -37.73
CA GLU A 385 -7.92 24.54 -39.15
C GLU A 385 -7.75 26.00 -39.45
N LYS A 386 -8.06 26.87 -38.51
CA LYS A 386 -7.73 28.28 -38.66
C LYS A 386 -6.22 28.47 -38.62
N TYR A 387 -5.53 27.63 -37.86
CA TYR A 387 -4.08 27.77 -37.64
C TYR A 387 -3.23 26.68 -38.23
N TRP A 388 -3.83 25.59 -38.70
CA TRP A 388 -3.06 24.47 -39.24
C TRP A 388 -3.62 24.07 -40.58
N ARG A 389 -2.75 23.81 -41.56
CA ARG A 389 -3.17 23.31 -42.86
C ARG A 389 -3.14 21.81 -42.80
N ASP A 390 -4.26 21.15 -43.09
CA ASP A 390 -4.32 19.67 -43.05
C ASP A 390 -3.80 19.08 -41.75
N PRO A 391 -4.36 19.52 -40.61
CA PRO A 391 -3.92 19.00 -39.31
C PRO A 391 -4.01 17.48 -39.18
N GLU A 392 -4.81 16.84 -40.01
CA GLU A 392 -5.04 15.40 -39.91
C GLU A 392 -3.86 14.59 -40.51
N VAL A 393 -2.88 15.29 -41.08
CA VAL A 393 -1.74 14.67 -41.74
C VAL A 393 -0.47 14.81 -40.89
N PHE A 394 0.24 13.71 -40.68
CA PHE A 394 1.56 13.75 -40.08
C PHE A 394 2.54 14.30 -41.12
N HIS A 395 3.16 15.43 -40.82
CA HIS A 395 3.99 16.11 -41.78
C HIS A 395 4.92 17.08 -41.05
N PRO A 396 6.06 16.57 -40.54
CA PRO A 396 7.09 17.38 -39.85
C PRO A 396 7.47 18.66 -40.58
N GLU A 397 7.52 18.58 -41.90
CA GLU A 397 7.85 19.72 -42.76
C GLU A 397 7.05 20.98 -42.49
N ARG A 398 5.86 20.85 -41.92
CA ARG A 398 5.04 22.03 -41.60
C ARG A 398 5.72 22.97 -40.64
N PHE A 399 6.67 22.43 -39.87
CA PHE A 399 7.43 23.21 -38.89
C PHE A 399 8.70 23.79 -39.43
N LEU A 400 9.01 23.54 -40.70
CA LEU A 400 10.20 24.14 -41.29
C LEU A 400 9.82 25.38 -42.05
N ASP A 401 10.68 26.39 -41.96
CA ASP A 401 10.48 27.62 -42.72
C ASP A 401 11.17 27.52 -44.08
N SER A 402 11.00 28.57 -44.88
CA SER A 402 11.52 28.56 -46.24
C SER A 402 13.05 28.47 -46.30
N SER A 403 13.75 28.66 -45.18
CA SER A 403 15.22 28.49 -45.13
C SER A 403 15.64 27.15 -44.53
N GLY A 404 14.67 26.30 -44.19
CA GLY A 404 14.96 24.97 -43.62
C GLY A 404 15.09 24.92 -42.11
N TYR A 405 14.77 26.03 -41.43
CA TYR A 405 14.89 26.11 -39.97
C TYR A 405 13.55 25.93 -39.25
N PHE A 406 13.61 25.37 -38.04
CA PHE A 406 12.43 25.15 -37.23
C PHE A 406 11.70 26.45 -36.89
N ALA A 407 10.38 26.43 -37.03
CA ALA A 407 9.56 27.62 -36.95
C ALA A 407 8.53 27.39 -35.86
N LYS A 408 8.62 28.13 -34.76
CA LYS A 408 7.69 27.91 -33.66
C LYS A 408 6.34 28.53 -33.96
N LYS A 409 5.30 27.74 -33.65
CA LYS A 409 3.90 28.03 -33.92
C LYS A 409 3.23 28.29 -32.58
N GLU A 410 2.48 29.38 -32.49
CA GLU A 410 1.77 29.71 -31.27
C GLU A 410 0.67 28.71 -30.93
N ALA A 411 -0.01 28.16 -31.95
CA ALA A 411 -1.13 27.22 -31.75
C ALA A 411 -0.69 25.79 -31.44
N LEU A 412 0.57 25.61 -31.05
CA LEU A 412 1.04 24.33 -30.55
C LEU A 412 1.20 24.52 -29.06
N VAL A 413 0.40 23.80 -28.27
CA VAL A 413 0.36 24.00 -26.81
C VAL A 413 0.24 22.67 -26.06
N PRO A 414 1.14 21.72 -26.33
CA PRO A 414 1.02 20.39 -25.73
C PRO A 414 1.32 20.39 -24.24
N PHE A 415 1.89 21.48 -23.75
CA PHE A 415 2.14 21.69 -22.33
C PHE A 415 1.13 22.70 -21.72
N SER A 416 0.03 22.94 -22.43
CA SER A 416 -0.99 23.89 -22.01
C SER A 416 -0.45 25.31 -21.90
N LEU A 417 -1.28 26.20 -21.38
CA LEU A 417 -0.98 27.62 -21.26
C LEU A 417 -1.41 28.09 -19.90
N GLY A 418 -1.02 29.32 -19.57
CA GLY A 418 -1.50 30.00 -18.39
C GLY A 418 -0.79 29.57 -17.13
N ARG A 419 -1.44 29.88 -16.01
CA ARG A 419 -0.87 29.68 -14.69
C ARG A 419 -0.45 28.27 -14.37
N ARG A 420 -1.17 27.31 -14.91
CA ARG A 420 -0.94 25.91 -14.62
C ARG A 420 -0.12 25.20 -15.67
N HIS A 421 0.47 25.94 -16.60
CA HIS A 421 1.19 25.31 -17.70
C HIS A 421 2.25 24.33 -17.17
N CYS A 422 2.48 23.28 -17.92
CA CYS A 422 3.46 22.28 -17.54
C CYS A 422 4.69 22.95 -16.98
N LEU A 423 5.04 22.49 -15.80
CA LEU A 423 6.15 22.99 -15.03
C LEU A 423 7.41 22.23 -15.38
N GLY A 424 7.25 21.09 -16.05
CA GLY A 424 8.37 20.28 -16.49
C GLY A 424 8.67 20.39 -17.96
N GLU A 425 8.18 21.44 -18.59
CA GLU A 425 8.30 21.59 -20.04
C GLU A 425 9.74 21.52 -20.48
N HIS A 426 10.57 22.42 -19.94
CA HIS A 426 11.96 22.46 -20.34
C HIS A 426 12.69 21.13 -20.12
N LEU A 427 12.53 20.52 -18.95
CA LEU A 427 13.18 19.24 -18.70
C LEU A 427 12.74 18.18 -19.71
N ALA A 428 11.44 18.17 -20.03
CA ALA A 428 10.87 17.16 -20.92
C ALA A 428 11.42 17.28 -22.33
N ARG A 429 11.67 18.51 -22.75
CA ARG A 429 12.18 18.76 -24.09
C ARG A 429 13.61 18.31 -24.23
N MET A 430 14.40 18.51 -23.17
CA MET A 430 15.74 17.97 -23.12
C MET A 430 15.74 16.45 -23.19
N GLU A 431 14.88 15.80 -22.41
CA GLU A 431 14.84 14.35 -22.39
C GLU A 431 14.42 13.81 -23.76
N MET A 432 13.33 14.35 -24.28
CA MET A 432 12.82 14.00 -25.60
C MET A 432 13.91 14.00 -26.66
N PHE A 433 14.57 15.16 -26.78
CA PHE A 433 15.61 15.39 -27.78
C PHE A 433 16.81 14.46 -27.61
N LEU A 434 17.28 14.33 -26.37
CA LEU A 434 18.51 13.62 -26.11
C LEU A 434 18.29 12.12 -26.22
N PHE A 435 17.15 11.62 -25.72
CA PHE A 435 16.84 10.18 -25.83
C PHE A 435 16.59 9.76 -27.28
N PHE A 436 15.83 10.59 -28.00
CA PHE A 436 15.51 10.38 -29.42
C PHE A 436 16.75 10.32 -30.32
N THR A 437 17.63 11.32 -30.19
CA THR A 437 18.86 11.36 -30.97
C THR A 437 19.81 10.26 -30.53
N ALA A 438 20.00 10.06 -29.24
CA ALA A 438 20.89 9.01 -28.79
C ALA A 438 20.45 7.67 -29.39
N LEU A 439 19.15 7.41 -29.36
CA LEU A 439 18.62 6.16 -29.88
C LEU A 439 18.77 6.07 -31.38
N LEU A 440 18.27 7.07 -32.10
CA LEU A 440 18.30 7.03 -33.57
C LEU A 440 19.73 7.11 -34.15
N GLN A 441 20.67 7.65 -33.38
CA GLN A 441 22.07 7.67 -33.79
C GLN A 441 22.66 6.27 -33.77
N ARG A 442 22.26 5.49 -32.77
CA ARG A 442 22.87 4.20 -32.56
C ARG A 442 22.12 3.04 -33.25
N PHE A 443 20.81 3.21 -33.45
CA PHE A 443 20.01 2.14 -34.05
C PHE A 443 19.16 2.56 -35.23
N HIS A 444 18.88 1.58 -36.07
CA HIS A 444 17.82 1.64 -37.07
C HIS A 444 16.63 0.84 -36.51
N LEU A 445 15.44 1.43 -36.61
CA LEU A 445 14.22 0.84 -36.03
C LEU A 445 13.22 0.46 -37.10
N HIS A 446 12.64 -0.72 -36.95
CA HIS A 446 11.66 -1.18 -37.91
C HIS A 446 10.84 -2.27 -37.22
N PHE A 447 9.70 -2.60 -37.82
CA PHE A 447 8.83 -3.62 -37.26
C PHE A 447 9.27 -5.04 -37.68
N PRO A 448 8.91 -6.05 -36.88
CA PRO A 448 9.15 -7.45 -37.23
C PRO A 448 8.30 -7.90 -38.42
N HIS A 449 8.91 -8.61 -39.38
CA HIS A 449 8.20 -9.14 -40.53
C HIS A 449 7.42 -7.99 -41.17
N GLU A 450 7.91 -6.77 -40.95
CA GLU A 450 7.23 -5.51 -41.27
C GLU A 450 5.73 -5.45 -40.84
N LEU A 451 5.36 -6.21 -39.79
CA LEU A 451 3.95 -6.40 -39.35
C LEU A 451 3.14 -5.10 -39.27
N VAL A 452 1.85 -5.21 -39.55
CA VAL A 452 0.93 -4.07 -39.63
C VAL A 452 0.56 -3.55 -38.20
N PRO A 453 1.11 -2.39 -37.79
CA PRO A 453 0.92 -1.93 -36.41
C PRO A 453 -0.36 -1.07 -36.25
N ASP A 454 -0.91 -1.02 -35.03
CA ASP A 454 -2.15 -0.25 -34.73
C ASP A 454 -1.84 1.16 -34.21
N LEU A 455 -2.43 2.18 -34.81
CA LEU A 455 -2.17 3.57 -34.40
C LEU A 455 -3.31 4.24 -33.64
N LYS A 456 -4.39 3.50 -33.38
CA LYS A 456 -5.49 4.02 -32.58
C LYS A 456 -5.02 4.04 -31.11
N PRO A 457 -5.02 5.21 -30.47
CA PRO A 457 -4.62 5.27 -29.07
C PRO A 457 -5.61 4.63 -28.09
N ARG A 458 -5.08 4.17 -26.96
CA ARG A 458 -5.89 3.70 -25.83
C ARG A 458 -6.61 4.85 -25.16
N LEU A 459 -7.85 4.63 -24.72
CA LEU A 459 -8.53 5.60 -23.84
C LEU A 459 -7.75 5.76 -22.52
N GLY A 460 -7.53 7.01 -22.10
CA GLY A 460 -6.82 7.35 -20.86
C GLY A 460 -6.67 8.86 -20.73
N MET A 461 -6.20 9.35 -19.58
CA MET A 461 -5.95 10.80 -19.43
C MET A 461 -4.75 11.27 -20.24
N THR A 462 -3.89 10.31 -20.58
CA THR A 462 -2.90 10.49 -21.63
C THR A 462 -3.17 9.45 -22.74
N LEU A 463 -2.73 9.78 -23.96
CA LEU A 463 -2.88 8.87 -25.10
C LEU A 463 -1.60 8.12 -25.24
N GLN A 464 -1.69 6.81 -25.28
CA GLN A 464 -0.52 6.00 -25.51
C GLN A 464 -0.85 4.93 -26.54
N PRO A 465 0.17 4.47 -27.28
CA PRO A 465 -0.10 3.47 -28.29
C PRO A 465 -0.41 2.13 -27.68
N GLN A 466 -1.02 1.26 -28.46
CA GLN A 466 -1.16 -0.12 -28.04
C GLN A 466 0.24 -0.75 -28.02
N PRO A 467 0.41 -1.84 -27.28
CA PRO A 467 1.69 -2.56 -27.31
C PRO A 467 2.15 -2.91 -28.72
N TYR A 468 3.42 -2.69 -28.99
CA TYR A 468 4.00 -2.96 -30.29
C TYR A 468 5.48 -3.32 -30.12
N LEU A 469 5.91 -4.32 -30.87
CA LEU A 469 7.28 -4.78 -30.84
C LEU A 469 8.11 -3.99 -31.85
N ILE A 470 9.39 -3.80 -31.54
CA ILE A 470 10.32 -3.16 -32.46
C ILE A 470 11.66 -3.89 -32.50
N CYS A 471 12.32 -3.83 -33.65
CA CYS A 471 13.69 -4.32 -33.81
C CYS A 471 14.62 -3.15 -33.93
N ALA A 472 15.62 -3.13 -33.05
CA ALA A 472 16.63 -2.10 -33.05
C ALA A 472 17.94 -2.75 -33.49
N GLU A 473 18.46 -2.34 -34.64
CA GLU A 473 19.69 -2.89 -35.19
C GLU A 473 20.81 -1.86 -35.21
N ARG A 474 21.99 -2.23 -34.68
CA ARG A 474 23.14 -1.30 -34.62
C ARG A 474 23.44 -0.79 -36.04
N ARG A 475 24.02 0.42 -36.15
CA ARG A 475 24.22 1.08 -37.46
C ARG A 475 25.69 1.16 -37.96
N HIS A 476 26.62 1.56 -37.08
CA HIS A 476 28.05 1.74 -37.47
C HIS A 476 28.93 0.65 -36.84
N PHE B 13 -33.38 -18.65 22.91
CA PHE B 13 -32.18 -17.77 22.72
C PHE B 13 -31.78 -17.06 24.03
N PRO B 14 -30.46 -17.06 24.38
CA PRO B 14 -29.98 -16.50 25.66
C PRO B 14 -30.32 -15.03 25.90
N PRO B 15 -30.50 -14.65 27.16
CA PRO B 15 -30.83 -13.27 27.48
C PRO B 15 -29.58 -12.44 27.43
N GLY B 16 -29.72 -11.12 27.51
CA GLY B 16 -28.57 -10.25 27.59
C GLY B 16 -28.90 -8.81 27.86
N PRO B 17 -27.87 -7.98 28.03
CA PRO B 17 -28.12 -6.60 28.38
C PRO B 17 -28.88 -5.87 27.30
N PRO B 18 -29.88 -5.08 27.70
CA PRO B 18 -30.57 -4.26 26.72
C PRO B 18 -29.60 -3.21 26.22
N GLY B 19 -29.70 -2.87 24.94
CA GLY B 19 -28.87 -1.83 24.32
C GLY B 19 -29.73 -0.77 23.70
N LEU B 20 -29.10 0.14 22.97
CA LEU B 20 -29.81 1.19 22.27
C LEU B 20 -30.46 0.63 21.03
N PRO B 21 -31.53 1.28 20.56
CA PRO B 21 -32.08 0.83 19.30
C PRO B 21 -31.05 1.00 18.20
N PHE B 22 -31.05 0.05 17.26
CA PHE B 22 -30.19 0.03 16.08
C PHE B 22 -28.77 -0.44 16.37
N ILE B 23 -27.99 0.38 17.09
CA ILE B 23 -26.59 0.06 17.41
C ILE B 23 -26.46 -1.06 18.46
N GLY B 24 -27.51 -1.28 19.25
CA GLY B 24 -27.50 -2.32 20.28
C GLY B 24 -26.43 -2.07 21.33
N ASN B 25 -25.68 -3.12 21.68
CA ASN B 25 -24.64 -3.04 22.72
C ASN B 25 -23.25 -2.58 22.24
N ILE B 26 -23.09 -2.32 20.93
CA ILE B 26 -21.78 -2.01 20.35
C ILE B 26 -20.94 -0.98 21.14
N TYR B 27 -21.56 0.08 21.66
CA TYR B 27 -20.74 1.17 22.22
C TYR B 27 -20.34 0.92 23.67
N SER B 28 -21.21 0.24 24.42
CA SER B 28 -20.88 -0.21 25.76
C SER B 28 -19.76 -1.23 25.70
N LEU B 29 -19.84 -2.12 24.72
CA LEU B 29 -18.81 -3.13 24.51
C LEU B 29 -17.41 -2.55 24.12
N ALA B 30 -17.34 -1.91 22.95
CA ALA B 30 -16.06 -1.56 22.31
C ALA B 30 -15.57 -0.14 22.55
N ALA B 31 -16.38 0.69 23.19
CA ALA B 31 -16.08 2.13 23.26
C ALA B 31 -16.24 2.77 24.63
N SER B 32 -16.29 1.98 25.70
CA SER B 32 -16.26 2.53 27.07
C SER B 32 -14.85 2.38 27.66
N SER B 33 -14.67 2.79 28.91
CA SER B 33 -13.37 2.63 29.60
C SER B 33 -13.14 1.21 30.15
N GLU B 34 -14.21 0.47 30.46
CA GLU B 34 -14.08 -0.97 30.72
C GLU B 34 -13.84 -1.66 29.35
N LEU B 35 -12.77 -2.47 29.28
CA LEU B 35 -12.42 -3.17 28.04
C LEU B 35 -13.41 -4.31 27.79
N PRO B 36 -13.61 -4.70 26.50
CA PRO B 36 -14.67 -5.64 26.10
C PRO B 36 -14.80 -6.87 26.97
N HIS B 37 -13.70 -7.59 27.18
CA HIS B 37 -13.71 -8.87 27.93
C HIS B 37 -14.11 -8.68 29.41
N VAL B 38 -13.79 -7.51 29.94
CA VAL B 38 -14.16 -7.12 31.30
C VAL B 38 -15.66 -6.85 31.33
N TYR B 39 -16.13 -6.03 30.39
CA TYR B 39 -17.56 -5.79 30.23
C TYR B 39 -18.33 -7.11 30.22
N MET B 40 -17.89 -8.02 29.38
CA MET B 40 -18.58 -9.30 29.19
C MET B 40 -18.62 -10.15 30.42
N ARG B 41 -17.58 -10.07 31.24
CA ARG B 41 -17.51 -10.85 32.45
C ARG B 41 -18.47 -10.29 33.50
N LYS B 42 -18.62 -8.97 33.53
CA LYS B 42 -19.63 -8.34 34.41
C LYS B 42 -21.06 -8.70 34.00
N GLN B 43 -21.30 -8.78 32.70
CA GLN B 43 -22.59 -9.16 32.18
C GLN B 43 -22.85 -10.63 32.42
N SER B 44 -21.80 -11.44 32.55
CA SER B 44 -21.99 -12.86 32.87
C SER B 44 -22.36 -13.05 34.35
N GLN B 45 -21.93 -12.13 35.20
CA GLN B 45 -22.30 -12.15 36.61
C GLN B 45 -23.79 -11.78 36.84
N VAL B 46 -24.43 -11.21 35.81
CA VAL B 46 -25.83 -10.80 35.86
C VAL B 46 -26.70 -11.78 35.07
N TYR B 47 -26.28 -12.15 33.86
CA TYR B 47 -27.10 -13.00 32.97
C TYR B 47 -26.67 -14.46 32.92
N GLY B 48 -25.54 -14.78 33.55
CA GLY B 48 -24.99 -16.15 33.54
C GLY B 48 -23.87 -16.39 32.56
N GLU B 49 -23.52 -17.67 32.43
CA GLU B 49 -22.36 -18.11 31.67
C GLU B 49 -22.51 -17.90 30.17
N ILE B 50 -23.62 -18.34 29.62
CA ILE B 50 -23.95 -18.06 28.23
C ILE B 50 -24.99 -16.92 28.17
N PHE B 51 -24.61 -15.79 27.58
CA PHE B 51 -25.55 -14.67 27.36
C PHE B 51 -25.38 -14.12 25.97
N SER B 52 -26.30 -13.23 25.59
CA SER B 52 -26.35 -12.70 24.22
C SER B 52 -26.07 -11.20 24.16
N LEU B 53 -25.66 -10.77 22.97
CA LEU B 53 -25.39 -9.38 22.70
C LEU B 53 -25.97 -9.06 21.34
N ASP B 54 -26.48 -7.83 21.22
CA ASP B 54 -26.91 -7.32 19.94
C ASP B 54 -25.90 -6.35 19.40
N LEU B 55 -25.21 -6.76 18.36
CA LEU B 55 -24.13 -5.96 17.82
C LEU B 55 -24.60 -5.35 16.50
N GLY B 56 -25.37 -4.27 16.64
CA GLY B 56 -25.97 -3.60 15.52
C GLY B 56 -26.82 -4.53 14.67
N GLY B 57 -27.54 -5.44 15.31
CA GLY B 57 -28.41 -6.36 14.57
C GLY B 57 -27.84 -7.75 14.29
N ILE B 58 -26.56 -7.96 14.58
CA ILE B 58 -25.95 -9.29 14.47
C ILE B 58 -26.08 -10.05 15.81
N SER B 59 -26.76 -11.20 15.73
CA SER B 59 -27.02 -12.03 16.91
C SER B 59 -25.69 -12.64 17.36
N THR B 60 -25.37 -12.44 18.63
CA THR B 60 -24.08 -12.85 19.15
C THR B 60 -24.25 -13.45 20.53
N VAL B 61 -23.79 -14.69 20.71
CA VAL B 61 -23.71 -15.27 22.07
C VAL B 61 -22.29 -15.14 22.62
N VAL B 62 -22.16 -14.98 23.93
CA VAL B 62 -20.85 -14.92 24.58
C VAL B 62 -20.76 -16.09 25.55
N LEU B 63 -19.69 -16.89 25.46
CA LEU B 63 -19.44 -18.00 26.41
C LEU B 63 -18.46 -17.58 27.54
N ASN B 64 -18.83 -17.84 28.79
CA ASN B 64 -18.01 -17.41 29.92
C ASN B 64 -17.72 -18.55 30.92
N GLY B 65 -16.51 -18.54 31.47
CA GLY B 65 -16.05 -19.59 32.35
C GLY B 65 -15.69 -20.87 31.60
N TYR B 66 -14.97 -21.76 32.27
CA TYR B 66 -14.41 -22.92 31.61
C TYR B 66 -15.47 -23.92 31.10
N ASP B 67 -16.51 -24.16 31.90
CA ASP B 67 -17.44 -25.29 31.66
C ASP B 67 -18.21 -25.12 30.34
N VAL B 68 -18.73 -23.90 30.13
CA VAL B 68 -19.52 -23.60 28.95
C VAL B 68 -18.64 -23.49 27.71
N VAL B 69 -17.47 -22.87 27.87
CA VAL B 69 -16.50 -22.81 26.79
C VAL B 69 -16.10 -24.24 26.35
N LYS B 70 -15.87 -25.14 27.33
CA LYS B 70 -15.53 -26.56 27.07
C LYS B 70 -16.66 -27.29 26.37
N GLU B 71 -17.88 -27.09 26.87
CA GLU B 71 -19.08 -27.72 26.31
C GLU B 71 -19.22 -27.50 24.80
N CYS B 72 -19.03 -26.25 24.38
CA CYS B 72 -19.23 -25.87 22.99
C CYS B 72 -18.06 -26.20 22.09
N LEU B 73 -16.88 -25.76 22.51
CA LEU B 73 -15.68 -25.91 21.68
C LEU B 73 -15.15 -27.35 21.63
N VAL B 74 -15.25 -28.08 22.75
CA VAL B 74 -14.82 -29.48 22.78
C VAL B 74 -15.97 -30.47 22.53
N HIS B 75 -16.99 -30.48 23.39
CA HIS B 75 -18.04 -31.54 23.31
C HIS B 75 -18.95 -31.42 22.10
N GLN B 76 -19.12 -30.18 21.63
CA GLN B 76 -19.88 -29.90 20.41
C GLN B 76 -18.97 -29.27 19.36
N SER B 77 -17.71 -29.71 19.34
CA SER B 77 -16.68 -29.09 18.51
C SER B 77 -17.06 -28.90 17.03
N GLU B 78 -17.87 -29.79 16.50
CA GLU B 78 -18.17 -29.80 15.06
C GLU B 78 -19.16 -28.72 14.66
N ILE B 79 -20.00 -28.31 15.60
CA ILE B 79 -20.99 -27.26 15.36
C ILE B 79 -20.31 -25.90 15.52
N PHE B 80 -19.42 -25.80 16.51
CA PHE B 80 -18.78 -24.52 16.87
C PHE B 80 -17.41 -24.25 16.23
N ALA B 81 -17.05 -25.02 15.22
CA ALA B 81 -15.76 -24.87 14.57
C ALA B 81 -15.77 -23.79 13.48
N ASP B 82 -16.91 -23.15 13.23
CA ASP B 82 -17.01 -22.25 12.09
C ASP B 82 -16.64 -20.83 12.44
N ARG B 83 -16.46 -20.01 11.40
CA ARG B 83 -16.21 -18.56 11.51
C ARG B 83 -17.39 -17.75 11.00
N PRO B 84 -17.69 -16.64 11.68
CA PRO B 84 -18.83 -15.82 11.29
C PRO B 84 -18.53 -15.04 10.03
N CYS B 85 -19.54 -14.86 9.19
CA CYS B 85 -19.41 -14.14 7.91
C CYS B 85 -19.59 -12.66 8.06
N LEU B 86 -18.73 -12.03 8.84
CA LEU B 86 -18.79 -10.61 9.03
C LEU B 86 -18.26 -9.97 7.75
N PRO B 87 -18.92 -8.90 7.28
CA PRO B 87 -18.44 -8.12 6.14
C PRO B 87 -16.92 -7.83 6.13
N LEU B 88 -16.32 -7.50 7.27
CA LEU B 88 -14.84 -7.30 7.31
C LEU B 88 -14.10 -8.54 6.80
N PHE B 89 -14.50 -9.71 7.30
CA PHE B 89 -13.80 -10.96 6.96
C PHE B 89 -14.08 -11.38 5.55
N MET B 90 -15.27 -11.09 5.09
CA MET B 90 -15.63 -11.36 3.71
C MET B 90 -14.78 -10.50 2.79
N LYS B 91 -14.69 -9.23 3.14
CA LYS B 91 -13.93 -8.27 2.40
C LYS B 91 -12.44 -8.64 2.39
N MET B 92 -11.90 -9.04 3.54
CA MET B 92 -10.46 -9.28 3.69
C MET B 92 -10.00 -10.57 3.02
N THR B 93 -10.68 -11.69 3.33
CA THR B 93 -10.23 -13.01 2.86
C THR B 93 -11.32 -13.91 2.21
N LYS B 94 -12.54 -13.39 2.03
CA LYS B 94 -13.65 -14.15 1.46
C LYS B 94 -13.90 -15.41 2.28
N MET B 95 -13.63 -15.34 3.57
CA MET B 95 -13.75 -16.51 4.42
C MET B 95 -13.02 -17.74 3.82
N GLY B 96 -11.89 -17.46 3.18
CA GLY B 96 -10.95 -18.50 2.75
C GLY B 96 -9.71 -18.49 3.64
N GLY B 97 -8.55 -18.72 3.03
CA GLY B 97 -7.30 -18.81 3.78
C GLY B 97 -7.41 -19.89 4.84
N LEU B 98 -7.09 -19.52 6.08
CA LEU B 98 -6.97 -20.46 7.18
C LEU B 98 -7.69 -19.95 8.44
N LEU B 99 -7.15 -18.89 9.02
CA LEU B 99 -7.62 -18.35 10.29
C LEU B 99 -9.12 -17.99 10.24
N ASN B 100 -9.58 -17.29 9.20
CA ASN B 100 -11.02 -16.99 9.08
C ASN B 100 -11.73 -17.83 8.02
N SER B 101 -11.17 -19.00 7.71
CA SER B 101 -11.78 -19.92 6.74
C SER B 101 -13.06 -20.41 7.32
N ARG B 102 -14.00 -20.80 6.46
CA ARG B 102 -15.18 -21.52 6.94
C ARG B 102 -14.72 -22.89 7.40
N TYR B 103 -15.47 -23.51 8.29
CA TYR B 103 -15.16 -24.86 8.68
C TYR B 103 -15.63 -25.74 7.53
N GLY B 104 -14.68 -26.26 6.76
CA GLY B 104 -14.96 -27.05 5.56
C GLY B 104 -13.68 -27.67 5.05
N ARG B 105 -13.68 -28.06 3.77
CA ARG B 105 -12.49 -28.69 3.17
C ARG B 105 -11.35 -27.68 3.02
N GLY B 106 -11.65 -26.51 2.44
CA GLY B 106 -10.66 -25.42 2.35
C GLY B 106 -9.87 -25.26 3.64
N TRP B 107 -10.57 -25.21 4.77
CA TRP B 107 -9.92 -25.13 6.05
C TRP B 107 -9.03 -26.33 6.32
N VAL B 108 -9.59 -27.53 6.18
CA VAL B 108 -8.84 -28.76 6.46
C VAL B 108 -7.60 -28.85 5.58
N ASP B 109 -7.74 -28.52 4.31
CA ASP B 109 -6.60 -28.55 3.40
C ASP B 109 -5.51 -27.55 3.82
N HIS B 110 -5.92 -26.33 4.20
CA HIS B 110 -4.96 -25.29 4.60
C HIS B 110 -4.38 -25.52 6.00
N ARG B 111 -5.24 -25.94 6.93
CA ARG B 111 -4.83 -26.26 8.30
C ARG B 111 -3.75 -27.35 8.31
N ARG B 112 -3.97 -28.41 7.54
CA ARG B 112 -3.06 -29.54 7.49
C ARG B 112 -1.73 -29.18 6.82
N LEU B 113 -1.77 -28.39 5.75
CA LEU B 113 -0.54 -27.88 5.12
C LEU B 113 0.28 -27.08 6.11
N ALA B 114 -0.41 -26.32 6.97
CA ALA B 114 0.25 -25.47 7.96
C ALA B 114 0.85 -26.32 9.08
N VAL B 115 0.05 -27.19 9.70
CA VAL B 115 0.55 -28.04 10.78
C VAL B 115 1.81 -28.81 10.33
N ASN B 116 1.69 -29.49 9.19
CA ASN B 116 2.82 -30.24 8.60
C ASN B 116 4.04 -29.38 8.36
N SER B 117 3.82 -28.20 7.80
CA SER B 117 4.91 -27.28 7.42
C SER B 117 5.66 -26.72 8.61
N PHE B 118 4.99 -26.58 9.74
CA PHE B 118 5.64 -26.04 10.92
C PHE B 118 6.50 -27.09 11.61
N ARG B 119 6.10 -28.36 11.50
CA ARG B 119 6.93 -29.49 11.94
C ARG B 119 8.11 -29.67 10.96
N TYR B 120 7.79 -29.81 9.70
CA TYR B 120 8.74 -30.25 8.70
C TYR B 120 9.82 -29.23 8.43
N PHE B 121 9.42 -27.96 8.32
CA PHE B 121 10.39 -26.87 8.12
C PHE B 121 10.83 -26.24 9.43
N GLY B 122 10.20 -26.63 10.54
CA GLY B 122 10.47 -26.00 11.80
C GLY B 122 11.04 -26.93 12.83
N TYR B 123 10.32 -27.11 13.93
CA TYR B 123 10.82 -27.83 15.10
C TYR B 123 11.03 -29.32 14.86
N GLY B 124 10.51 -29.87 13.77
CA GLY B 124 10.82 -31.25 13.39
C GLY B 124 12.30 -31.45 13.01
N GLN B 125 12.99 -30.37 12.63
CA GLN B 125 14.38 -30.41 12.19
C GLN B 125 15.34 -30.28 13.35
N LYS B 126 16.46 -31.01 13.27
CA LYS B 126 17.46 -31.09 14.35
C LYS B 126 18.13 -29.73 14.60
N SER B 127 18.31 -28.95 13.55
CA SER B 127 19.00 -27.67 13.68
C SER B 127 18.10 -26.49 14.03
N PHE B 128 16.79 -26.73 14.15
CA PHE B 128 15.85 -25.62 14.23
C PHE B 128 16.00 -24.80 15.50
N GLU B 129 16.13 -25.48 16.63
CA GLU B 129 16.30 -24.78 17.90
C GLU B 129 17.55 -23.87 17.89
N SER B 130 18.60 -24.26 17.17
CA SER B 130 19.83 -23.45 17.08
C SER B 130 19.57 -22.14 16.32
N LYS B 131 18.62 -22.20 15.39
CA LYS B 131 18.19 -21.00 14.68
C LYS B 131 17.39 -20.05 15.57
N ILE B 132 16.56 -20.59 16.47
CA ILE B 132 15.94 -19.73 17.47
C ILE B 132 17.04 -19.06 18.32
N LEU B 133 18.04 -19.84 18.71
CA LEU B 133 19.13 -19.32 19.54
C LEU B 133 19.96 -18.28 18.81
N GLU B 134 20.20 -18.46 17.53
CA GLU B 134 20.87 -17.41 16.75
C GLU B 134 20.10 -16.11 16.81
N GLU B 135 18.77 -16.23 16.77
CA GLU B 135 17.91 -15.06 16.81
C GLU B 135 18.00 -14.40 18.16
N THR B 136 18.06 -15.19 19.23
CA THR B 136 18.24 -14.62 20.58
C THR B 136 19.54 -13.85 20.66
N LYS B 137 20.56 -14.29 19.89
CA LYS B 137 21.86 -13.60 19.90
C LYS B 137 21.75 -12.24 19.22
N PHE B 138 21.17 -12.21 18.01
CA PHE B 138 20.88 -10.93 17.30
C PHE B 138 20.06 -10.01 18.20
N PHE B 139 19.06 -10.60 18.85
CA PHE B 139 18.18 -9.87 19.71
C PHE B 139 18.93 -9.23 20.90
N ASN B 140 19.61 -10.05 21.68
CA ASN B 140 20.36 -9.57 22.83
C ASN B 140 21.52 -8.61 22.45
N ASP B 141 22.15 -8.87 21.31
CA ASP B 141 23.22 -7.98 20.86
C ASP B 141 22.69 -6.58 20.60
N ALA B 142 21.52 -6.52 19.99
CA ALA B 142 20.88 -5.25 19.70
C ALA B 142 20.53 -4.54 21.00
N ILE B 143 20.09 -5.29 22.00
CA ILE B 143 19.77 -4.70 23.29
C ILE B 143 21.02 -4.12 23.92
N GLU B 144 22.14 -4.83 23.85
CA GLU B 144 23.37 -4.36 24.51
C GLU B 144 23.89 -3.06 23.88
N THR B 145 23.60 -2.84 22.59
CA THR B 145 24.01 -1.58 21.92
C THR B 145 23.42 -0.34 22.59
N TYR B 146 22.32 -0.47 23.32
CA TYR B 146 21.75 0.66 24.09
C TYR B 146 22.57 1.05 25.32
N LYS B 147 23.43 0.15 25.76
CA LYS B 147 24.33 0.39 26.89
C LYS B 147 23.56 0.83 28.13
N GLY B 148 22.46 0.15 28.44
CA GLY B 148 21.74 0.40 29.70
C GLY B 148 20.81 1.59 29.71
N ARG B 149 20.90 2.46 28.70
CA ARG B 149 19.95 3.56 28.48
C ARG B 149 18.56 2.97 28.23
N PRO B 150 17.50 3.68 28.67
CA PRO B 150 16.15 3.13 28.53
C PRO B 150 15.64 3.16 27.08
N PHE B 151 14.78 2.21 26.72
CA PHE B 151 14.14 2.21 25.41
C PHE B 151 12.96 1.26 25.38
N ASP B 152 12.22 1.30 24.28
CA ASP B 152 11.04 0.47 24.07
C ASP B 152 11.41 -0.78 23.27
N PHE B 153 11.17 -1.94 23.88
CA PHE B 153 11.54 -3.24 23.31
C PHE B 153 10.68 -3.72 22.12
N LYS B 154 9.54 -3.07 21.89
CA LYS B 154 8.58 -3.57 20.95
C LYS B 154 9.18 -3.89 19.58
N GLN B 155 9.92 -2.95 19.02
CA GLN B 155 10.42 -3.16 17.66
C GLN B 155 11.31 -4.40 17.57
N LEU B 156 12.24 -4.51 18.53
CA LEU B 156 13.22 -5.63 18.55
C LEU B 156 12.55 -6.97 18.81
N ILE B 157 11.62 -7.01 19.76
CA ILE B 157 10.91 -8.26 20.08
C ILE B 157 10.14 -8.69 18.86
N THR B 158 9.51 -7.73 18.19
CA THR B 158 8.73 -7.98 17.00
C THR B 158 9.60 -8.56 15.89
N ASN B 159 10.73 -7.90 15.62
CA ASN B 159 11.70 -8.40 14.65
C ASN B 159 12.10 -9.83 14.97
N ALA B 160 12.60 -10.04 16.20
CA ALA B 160 13.09 -11.36 16.64
C ALA B 160 12.01 -12.43 16.44
N VAL B 161 10.84 -12.18 16.98
CA VAL B 161 9.77 -13.17 16.96
C VAL B 161 9.31 -13.48 15.54
N SER B 162 9.07 -12.45 14.72
CA SER B 162 8.63 -12.69 13.33
C SER B 162 9.66 -13.49 12.55
N ASN B 163 10.93 -13.23 12.82
CA ASN B 163 11.98 -13.95 12.12
C ASN B 163 11.87 -15.44 12.26
N ILE B 164 11.51 -15.92 13.45
CA ILE B 164 11.34 -17.37 13.67
C ILE B 164 10.28 -17.98 12.73
N THR B 165 9.18 -17.26 12.50
CA THR B 165 8.14 -17.70 11.55
C THR B 165 8.60 -17.57 10.10
N ASN B 166 9.32 -16.50 9.80
CA ASN B 166 9.88 -16.29 8.46
C ASN B 166 10.79 -17.45 8.03
N LEU B 167 11.47 -18.07 8.97
CA LEU B 167 12.24 -19.28 8.64
C LEU B 167 11.35 -20.36 8.05
N ILE B 168 10.16 -20.53 8.61
CA ILE B 168 9.27 -21.59 8.17
C ILE B 168 8.58 -21.23 6.85
N ILE B 169 8.18 -19.97 6.74
CA ILE B 169 7.39 -19.51 5.60
C ILE B 169 8.24 -19.19 4.38
N PHE B 170 9.33 -18.48 4.61
CA PHE B 170 10.18 -18.01 3.52
C PHE B 170 11.55 -18.68 3.47
N GLY B 171 11.86 -19.56 4.42
CA GLY B 171 13.17 -20.18 4.48
C GLY B 171 14.31 -19.27 4.91
N GLU B 172 14.03 -18.12 5.49
CA GLU B 172 15.11 -17.20 5.91
C GLU B 172 14.61 -16.11 6.85
N ARG B 173 15.52 -15.60 7.66
CA ARG B 173 15.24 -14.47 8.51
C ARG B 173 15.42 -13.19 7.68
N PHE B 174 15.01 -12.06 8.21
CA PHE B 174 15.32 -10.79 7.59
C PHE B 174 16.05 -9.95 8.63
N THR B 175 17.04 -9.18 8.21
CA THR B 175 17.84 -8.43 9.17
C THR B 175 17.00 -7.39 9.89
N TYR B 176 17.53 -6.83 10.96
CA TYR B 176 16.83 -5.77 11.68
C TYR B 176 16.91 -4.43 10.95
N GLU B 177 17.65 -4.38 9.85
CA GLU B 177 17.73 -3.16 9.01
C GLU B 177 16.65 -3.17 7.90
N ASP B 178 15.93 -4.29 7.75
CA ASP B 178 14.81 -4.44 6.78
C ASP B 178 13.53 -3.69 7.23
N THR B 179 13.60 -2.36 7.18
CA THR B 179 12.50 -1.48 7.60
C THR B 179 11.22 -1.67 6.79
N ASP B 180 11.33 -2.19 5.57
CA ASP B 180 10.15 -2.39 4.73
C ASP B 180 9.27 -3.50 5.25
N PHE B 181 9.87 -4.64 5.57
CA PHE B 181 9.12 -5.75 6.15
C PHE B 181 8.51 -5.33 7.48
N GLN B 182 9.28 -4.61 8.30
CA GLN B 182 8.77 -4.24 9.59
C GLN B 182 7.65 -3.21 9.50
N HIS B 183 7.69 -2.38 8.47
CA HIS B 183 6.58 -1.44 8.18
C HIS B 183 5.28 -2.18 7.82
N MET B 184 5.38 -3.23 7.02
CA MET B 184 4.23 -4.07 6.74
C MET B 184 3.65 -4.64 8.03
N ILE B 185 4.51 -5.22 8.86
CA ILE B 185 4.07 -5.84 10.11
C ILE B 185 3.37 -4.81 10.97
N GLU B 186 3.93 -3.61 11.01
CA GLU B 186 3.36 -2.51 11.77
C GLU B 186 1.94 -2.15 11.30
N LEU B 187 1.72 -2.14 9.98
CA LEU B 187 0.40 -1.87 9.43
C LEU B 187 -0.55 -3.03 9.72
N PHE B 188 -0.05 -4.25 9.54
CA PHE B 188 -0.84 -5.46 9.82
C PHE B 188 -1.27 -5.50 11.31
N SER B 189 -0.36 -5.10 12.18
CA SER B 189 -0.62 -5.07 13.59
C SER B 189 -1.71 -4.04 13.91
N GLU B 190 -1.64 -2.87 13.28
CA GLU B 190 -2.70 -1.86 13.42
C GLU B 190 -4.07 -2.49 13.16
N ASN B 191 -4.16 -3.23 12.05
CA ASN B 191 -5.41 -3.87 11.69
C ASN B 191 -5.98 -4.82 12.78
N VAL B 192 -5.11 -5.53 13.46
CA VAL B 192 -5.52 -6.43 14.56
C VAL B 192 -6.07 -5.61 15.74
N GLU B 193 -5.59 -4.39 15.89
CA GLU B 193 -6.13 -3.48 16.90
C GLU B 193 -7.46 -2.79 16.45
N LEU B 194 -7.49 -2.31 15.21
CA LEU B 194 -8.70 -1.65 14.67
C LEU B 194 -9.89 -2.62 14.60
N ALA B 195 -9.63 -3.89 14.31
CA ALA B 195 -10.69 -4.90 14.24
C ALA B 195 -11.55 -4.97 15.51
N ALA B 196 -11.07 -4.40 16.61
CA ALA B 196 -11.81 -4.42 17.87
C ALA B 196 -12.57 -3.10 18.12
N SER B 197 -12.40 -2.13 17.24
CA SER B 197 -12.87 -0.80 17.50
C SER B 197 -14.37 -0.72 17.26
N ALA B 198 -14.98 0.33 17.80
CA ALA B 198 -16.41 0.56 17.63
C ALA B 198 -16.77 0.70 16.16
N SER B 199 -15.99 1.50 15.44
CA SER B 199 -16.23 1.76 14.03
C SER B 199 -16.31 0.48 13.23
N VAL B 200 -15.54 -0.53 13.60
CA VAL B 200 -15.54 -1.79 12.85
C VAL B 200 -16.75 -2.68 13.18
N PHE B 201 -17.10 -2.80 14.46
CA PHE B 201 -18.38 -3.43 14.84
C PHE B 201 -19.54 -2.79 14.08
N LEU B 202 -19.55 -1.46 14.06
CA LEU B 202 -20.53 -0.68 13.33
C LEU B 202 -20.53 -0.96 11.82
N TYR B 203 -19.35 -0.96 11.19
CA TYR B 203 -19.25 -1.34 9.78
C TYR B 203 -19.83 -2.74 9.55
N ASN B 204 -19.52 -3.68 10.44
CA ASN B 204 -19.97 -5.06 10.21
C ASN B 204 -21.48 -5.14 10.26
N ALA B 205 -22.08 -4.44 11.22
CA ALA B 205 -23.54 -4.29 11.33
C ALA B 205 -24.15 -3.59 10.10
N PHE B 206 -23.47 -2.54 9.61
CA PHE B 206 -24.00 -1.65 8.56
C PHE B 206 -22.93 -1.31 7.50
N PRO B 207 -22.68 -2.24 6.57
CA PRO B 207 -21.54 -2.16 5.61
C PRO B 207 -21.55 -0.97 4.68
N TRP B 208 -22.71 -0.37 4.51
CA TRP B 208 -22.87 0.74 3.59
C TRP B 208 -22.48 2.06 4.24
N ILE B 209 -22.11 2.02 5.53
CA ILE B 209 -21.54 3.20 6.18
C ILE B 209 -20.17 3.45 5.61
N GLY B 210 -19.62 2.44 4.93
CA GLY B 210 -18.33 2.53 4.25
C GLY B 210 -18.13 3.74 3.34
N ILE B 211 -19.21 4.23 2.72
CA ILE B 211 -19.19 5.54 2.04
C ILE B 211 -18.47 6.55 2.92
N LEU B 212 -18.88 6.60 4.18
CA LEU B 212 -18.45 7.66 5.07
C LEU B 212 -16.96 7.54 5.39
N PRO B 213 -16.22 8.66 5.25
CA PRO B 213 -14.80 8.69 5.57
C PRO B 213 -14.52 8.68 7.08
N PHE B 214 -15.55 8.83 7.90
CA PHE B 214 -15.40 8.82 9.35
C PHE B 214 -15.20 7.41 9.85
N GLY B 215 -14.42 7.26 10.91
CA GLY B 215 -14.21 5.97 11.55
C GLY B 215 -12.98 5.23 11.07
N LYS B 216 -12.64 4.18 11.80
CA LYS B 216 -11.36 3.52 11.66
C LYS B 216 -11.34 2.40 10.62
N HIS B 217 -12.48 2.06 10.05
CA HIS B 217 -12.53 0.99 9.04
C HIS B 217 -11.80 1.38 7.76
N GLN B 218 -11.79 2.67 7.45
CA GLN B 218 -11.11 3.20 6.27
C GLN B 218 -9.61 2.92 6.34
N GLN B 219 -9.01 3.28 7.48
CA GLN B 219 -7.60 3.02 7.74
C GLN B 219 -7.31 1.54 7.67
N LEU B 220 -8.23 0.70 8.16
CA LEU B 220 -8.04 -0.75 8.13
C LEU B 220 -8.00 -1.29 6.71
N PHE B 221 -8.79 -0.72 5.82
CA PHE B 221 -8.87 -1.23 4.45
C PHE B 221 -7.69 -0.77 3.62
N ARG B 222 -7.27 0.49 3.79
CA ARG B 222 -6.04 1.00 3.20
C ARG B 222 -4.88 0.05 3.57
N ASN B 223 -4.64 -0.09 4.87
CA ASN B 223 -3.61 -1.00 5.39
C ASN B 223 -3.68 -2.40 4.77
N ALA B 224 -4.88 -2.98 4.75
CA ALA B 224 -5.05 -4.32 4.19
C ALA B 224 -4.63 -4.39 2.72
N ALA B 225 -4.89 -3.33 1.96
CA ALA B 225 -4.49 -3.29 0.55
C ALA B 225 -2.97 -3.24 0.44
N VAL B 226 -2.34 -2.39 1.28
CA VAL B 226 -0.87 -2.28 1.26
C VAL B 226 -0.25 -3.64 1.61
N VAL B 227 -0.70 -4.22 2.73
CA VAL B 227 -0.21 -5.50 3.22
C VAL B 227 -0.40 -6.57 2.17
N TYR B 228 -1.50 -6.54 1.43
CA TYR B 228 -1.76 -7.55 0.39
C TYR B 228 -0.73 -7.44 -0.73
N ASP B 229 -0.43 -6.21 -1.13
CA ASP B 229 0.55 -5.99 -2.19
C ASP B 229 1.94 -6.48 -1.77
N PHE B 230 2.37 -6.03 -0.60
CA PHE B 230 3.66 -6.39 -0.06
C PHE B 230 3.83 -7.91 0.03
N LEU B 231 2.84 -8.58 0.60
CA LEU B 231 2.94 -10.02 0.73
C LEU B 231 2.97 -10.74 -0.61
N SER B 232 2.18 -10.33 -1.60
CA SER B 232 2.23 -11.07 -2.87
C SER B 232 3.58 -10.89 -3.56
N ARG B 233 4.20 -9.71 -3.43
CA ARG B 233 5.57 -9.54 -3.94
C ARG B 233 6.59 -10.41 -3.20
N LEU B 234 6.40 -10.58 -1.90
CA LEU B 234 7.34 -11.36 -1.10
C LEU B 234 7.20 -12.83 -1.47
N ILE B 235 5.98 -13.31 -1.54
CA ILE B 235 5.68 -14.68 -1.95
C ILE B 235 6.20 -15.02 -3.36
N GLU B 236 6.08 -14.09 -4.30
CA GLU B 236 6.64 -14.24 -5.65
C GLU B 236 8.18 -14.33 -5.56
N LYS B 237 8.82 -13.40 -4.82
CA LYS B 237 10.28 -13.46 -4.61
C LYS B 237 10.71 -14.77 -3.99
N ALA B 238 9.97 -15.23 -2.99
CA ALA B 238 10.34 -16.43 -2.25
C ALA B 238 10.08 -17.74 -3.01
N SER B 239 9.70 -17.66 -4.28
CA SER B 239 9.57 -18.85 -5.11
C SER B 239 10.37 -18.79 -6.43
N VAL B 240 11.14 -17.73 -6.65
CA VAL B 240 12.02 -17.64 -7.80
C VAL B 240 12.87 -18.92 -7.97
N ASN B 241 13.34 -19.50 -6.86
CA ASN B 241 14.23 -20.66 -6.93
C ASN B 241 13.55 -21.98 -6.51
N ARG B 242 12.24 -22.04 -6.64
CA ARG B 242 11.49 -23.23 -6.24
C ARG B 242 11.91 -24.46 -7.05
N LYS B 243 12.02 -25.61 -6.36
CA LYS B 243 12.23 -26.91 -7.01
C LYS B 243 11.02 -27.82 -6.75
N PRO B 244 10.07 -27.89 -7.72
CA PRO B 244 8.81 -28.64 -7.53
C PRO B 244 8.96 -30.04 -6.96
N GLN B 245 8.07 -30.41 -6.05
CA GLN B 245 8.16 -31.66 -5.27
C GLN B 245 9.29 -31.65 -4.19
N LEU B 246 10.24 -30.72 -4.25
CA LEU B 246 11.31 -30.56 -3.22
C LEU B 246 11.27 -29.15 -2.61
N PRO B 247 10.33 -28.93 -1.68
CA PRO B 247 10.09 -27.59 -1.17
C PRO B 247 11.06 -27.19 -0.06
N GLN B 248 11.45 -25.93 -0.04
CA GLN B 248 12.36 -25.39 0.97
C GLN B 248 11.63 -24.74 2.18
N HIS B 249 10.34 -24.43 2.02
CA HIS B 249 9.57 -23.70 3.03
C HIS B 249 8.08 -23.73 2.70
N PHE B 250 7.27 -23.04 3.50
CA PHE B 250 5.80 -23.09 3.38
C PHE B 250 5.29 -22.61 2.02
N VAL B 251 5.88 -21.55 1.46
CA VAL B 251 5.44 -21.08 0.13
C VAL B 251 5.60 -22.18 -0.93
N ASP B 252 6.80 -22.78 -1.00
CA ASP B 252 7.06 -23.94 -1.89
C ASP B 252 6.05 -25.03 -1.59
N ALA B 253 5.89 -25.41 -0.33
CA ALA B 253 4.96 -26.47 0.04
C ALA B 253 3.59 -26.21 -0.56
N TYR B 254 3.19 -24.93 -0.58
CA TYR B 254 1.85 -24.53 -1.04
C TYR B 254 1.77 -24.67 -2.56
N LEU B 255 2.71 -24.04 -3.27
CA LEU B 255 2.75 -24.13 -4.73
C LEU B 255 2.73 -25.61 -5.20
N ASP B 256 3.42 -26.49 -4.47
CA ASP B 256 3.32 -27.93 -4.73
C ASP B 256 1.89 -28.37 -4.76
N GLU B 257 1.14 -27.98 -3.73
CA GLU B 257 -0.24 -28.41 -3.55
C GLU B 257 -1.12 -27.93 -4.70
N MET B 258 -0.85 -26.73 -5.20
CA MET B 258 -1.55 -26.19 -6.37
C MET B 258 -1.24 -27.03 -7.61
N ASP B 259 0.02 -27.40 -7.77
CA ASP B 259 0.44 -28.31 -8.87
C ASP B 259 -0.17 -29.72 -8.74
N GLN B 260 -0.16 -30.29 -7.56
CA GLN B 260 -0.84 -31.58 -7.34
C GLN B 260 -2.37 -31.48 -7.45
N GLY B 261 -2.91 -30.29 -7.68
CA GLY B 261 -4.35 -30.08 -7.83
C GLY B 261 -4.79 -29.26 -9.04
N LYS B 262 -3.93 -29.17 -10.07
CA LYS B 262 -4.29 -28.47 -11.33
C LYS B 262 -5.48 -29.17 -12.02
N ASN B 263 -5.54 -30.50 -11.88
CA ASN B 263 -6.62 -31.33 -12.45
C ASN B 263 -7.95 -31.15 -11.74
N ASP B 264 -7.88 -30.83 -10.45
CA ASP B 264 -9.07 -30.69 -9.62
C ASP B 264 -9.56 -29.23 -9.66
N PRO B 265 -10.76 -28.97 -10.22
CA PRO B 265 -11.25 -27.59 -10.19
C PRO B 265 -12.05 -27.28 -8.90
N SER B 266 -12.03 -28.21 -7.93
CA SER B 266 -12.49 -27.95 -6.56
C SER B 266 -11.32 -27.90 -5.55
N SER B 267 -10.09 -27.82 -6.05
CA SER B 267 -8.91 -27.60 -5.21
C SER B 267 -9.00 -26.20 -4.56
N THR B 268 -8.99 -26.19 -3.23
CA THR B 268 -9.13 -24.98 -2.45
C THR B 268 -7.88 -24.08 -2.48
N PHE B 269 -6.72 -24.65 -2.80
CA PHE B 269 -5.47 -23.88 -2.85
C PHE B 269 -5.46 -22.89 -4.00
N SER B 270 -5.04 -21.66 -3.76
CA SER B 270 -4.93 -20.65 -4.81
C SER B 270 -3.93 -19.58 -4.44
N LYS B 271 -3.60 -18.72 -5.42
CA LYS B 271 -2.74 -17.56 -5.18
C LYS B 271 -3.34 -16.59 -4.13
N GLU B 272 -4.65 -16.33 -4.22
CA GLU B 272 -5.35 -15.48 -3.24
C GLU B 272 -5.19 -16.10 -1.83
N ASN B 273 -5.56 -17.37 -1.70
CA ASN B 273 -5.48 -18.10 -0.44
C ASN B 273 -4.06 -18.31 0.09
N LEU B 274 -3.08 -18.40 -0.83
CA LEU B 274 -1.68 -18.42 -0.43
C LEU B 274 -1.31 -17.12 0.25
N ILE B 275 -1.68 -15.99 -0.35
CA ILE B 275 -1.48 -14.70 0.29
C ILE B 275 -2.18 -14.63 1.66
N PHE B 276 -3.44 -15.09 1.74
CA PHE B 276 -4.17 -14.92 2.99
C PHE B 276 -3.59 -15.79 4.08
N SER B 277 -3.32 -17.07 3.77
CA SER B 277 -2.83 -17.97 4.82
C SER B 277 -1.44 -17.56 5.31
N VAL B 278 -0.58 -17.12 4.40
CA VAL B 278 0.74 -16.61 4.78
C VAL B 278 0.65 -15.40 5.72
N GLY B 279 -0.17 -14.42 5.35
CA GLY B 279 -0.36 -13.23 6.19
C GLY B 279 -0.94 -13.61 7.55
N GLU B 280 -1.93 -14.49 7.53
CA GLU B 280 -2.54 -14.97 8.74
C GLU B 280 -1.51 -15.61 9.70
N LEU B 281 -0.62 -16.44 9.17
CA LEU B 281 0.41 -17.13 10.01
C LEU B 281 1.46 -16.14 10.53
N ILE B 282 1.81 -15.17 9.69
CA ILE B 282 2.72 -14.10 10.07
C ILE B 282 2.20 -13.31 11.26
N ILE B 283 1.02 -12.73 11.13
CA ILE B 283 0.49 -11.90 12.20
C ILE B 283 0.06 -12.71 13.41
N ALA B 284 -0.41 -13.93 13.20
CA ALA B 284 -0.80 -14.79 14.33
C ALA B 284 0.39 -14.99 15.23
N GLY B 285 1.53 -15.26 14.62
CA GLY B 285 2.77 -15.51 15.37
C GLY B 285 3.40 -14.28 15.97
N THR B 286 3.57 -13.26 15.15
CA THR B 286 4.23 -12.03 15.56
C THR B 286 3.51 -11.31 16.69
N GLU B 287 2.26 -10.91 16.45
CA GLU B 287 1.49 -10.15 17.45
C GLU B 287 1.37 -10.84 18.79
N THR B 288 1.07 -12.13 18.80
CA THR B 288 0.73 -12.82 20.05
C THR B 288 1.99 -13.02 20.93
N THR B 289 2.99 -13.66 20.35
CA THR B 289 4.20 -13.97 21.09
C THR B 289 4.94 -12.71 21.48
N THR B 290 4.98 -11.72 20.59
CA THR B 290 5.57 -10.43 20.92
C THR B 290 4.92 -9.88 22.18
N ASN B 291 3.59 -9.95 22.25
CA ASN B 291 2.89 -9.32 23.36
C ASN B 291 3.04 -10.11 24.62
N VAL B 292 3.03 -11.44 24.51
CA VAL B 292 3.39 -12.30 25.67
C VAL B 292 4.73 -11.89 26.28
N LEU B 293 5.72 -11.65 25.44
CA LEU B 293 7.04 -11.27 25.93
C LEU B 293 7.05 -9.85 26.49
N ARG B 294 6.35 -8.95 25.85
CA ARG B 294 6.28 -7.57 26.32
C ARG B 294 5.64 -7.52 27.70
N TRP B 295 4.63 -8.35 27.92
CA TRP B 295 4.01 -8.45 29.24
C TRP B 295 4.98 -9.07 30.25
N ALA B 296 5.60 -10.19 29.85
CA ALA B 296 6.56 -10.90 30.72
C ALA B 296 7.64 -9.94 31.22
N ILE B 297 8.28 -9.23 30.29
CA ILE B 297 9.28 -8.19 30.62
C ILE B 297 8.76 -7.10 31.57
N LEU B 298 7.53 -6.65 31.35
CA LEU B 298 6.94 -5.61 32.17
C LEU B 298 6.88 -6.11 33.59
N PHE B 299 6.39 -7.32 33.76
CA PHE B 299 6.16 -7.88 35.08
C PHE B 299 7.43 -8.28 35.82
N MET B 300 8.50 -8.56 35.07
CA MET B 300 9.82 -8.81 35.65
C MET B 300 10.44 -7.51 36.17
N ALA B 301 10.30 -6.45 35.40
CA ALA B 301 10.75 -5.14 35.81
C ALA B 301 9.95 -4.66 37.02
N LEU B 302 8.68 -5.03 37.07
CA LEU B 302 7.79 -4.61 38.13
C LEU B 302 8.02 -5.41 39.42
N TYR B 303 8.34 -6.71 39.29
CA TYR B 303 8.63 -7.54 40.45
C TYR B 303 10.02 -8.13 40.35
N PRO B 304 11.05 -7.36 40.73
CA PRO B 304 12.42 -7.85 40.59
C PRO B 304 12.75 -9.15 41.40
N ASN B 305 11.98 -9.45 42.46
CA ASN B 305 12.19 -10.69 43.24
C ASN B 305 11.76 -11.93 42.48
N ILE B 306 10.74 -11.80 41.66
CA ILE B 306 10.37 -12.86 40.73
C ILE B 306 11.42 -12.95 39.60
N GLN B 307 11.92 -11.81 39.14
CA GLN B 307 12.99 -11.81 38.15
C GLN B 307 14.22 -12.54 38.67
N GLY B 308 14.65 -12.21 39.90
CA GLY B 308 15.81 -12.82 40.53
C GLY B 308 15.73 -14.33 40.65
N GLN B 309 14.55 -14.82 41.01
CA GLN B 309 14.36 -16.27 41.11
C GLN B 309 14.36 -16.99 39.77
N VAL B 310 13.88 -16.35 38.71
CA VAL B 310 14.03 -16.92 37.38
C VAL B 310 15.53 -16.98 37.02
N GLN B 311 16.26 -15.91 37.32
CA GLN B 311 17.68 -15.82 37.02
C GLN B 311 18.51 -16.80 37.84
N LYS B 312 18.08 -17.05 39.07
CA LYS B 312 18.72 -18.08 39.90
C LYS B 312 18.54 -19.47 39.28
N GLU B 313 17.38 -19.71 38.71
CA GLU B 313 17.10 -20.98 38.08
C GLU B 313 17.90 -21.14 36.78
N ILE B 314 18.03 -20.06 36.01
CA ILE B 314 18.84 -20.05 34.79
C ILE B 314 20.29 -20.37 35.16
N ASP B 315 20.83 -19.60 36.10
CA ASP B 315 22.23 -19.73 36.48
C ASP B 315 22.58 -21.17 36.88
N LEU B 316 21.70 -21.82 37.63
CA LEU B 316 21.97 -23.15 38.18
C LEU B 316 21.61 -24.31 37.23
N ILE B 317 20.61 -24.14 36.36
CA ILE B 317 20.20 -25.23 35.45
C ILE B 317 20.84 -25.10 34.08
N MET B 318 20.89 -23.88 33.57
CA MET B 318 21.48 -23.61 32.25
C MET B 318 22.95 -23.30 32.38
N GLY B 319 23.31 -22.64 33.47
CA GLY B 319 24.67 -22.18 33.68
C GLY B 319 24.63 -20.74 33.29
N PRO B 320 25.43 -19.89 33.95
CA PRO B 320 25.40 -18.43 33.67
C PRO B 320 25.64 -18.02 32.22
N ASN B 321 26.33 -18.86 31.47
CA ASN B 321 26.67 -18.62 30.08
C ASN B 321 26.21 -19.74 29.17
N GLY B 322 25.37 -20.63 29.66
CA GLY B 322 24.96 -21.78 28.88
C GLY B 322 23.89 -21.45 27.87
N LYS B 323 23.98 -22.10 26.70
CA LYS B 323 22.95 -21.99 25.68
C LYS B 323 21.64 -22.54 26.25
N PRO B 324 20.62 -21.66 26.38
CA PRO B 324 19.30 -22.15 26.73
C PRO B 324 18.88 -23.25 25.78
N SER B 325 18.12 -24.19 26.30
CA SER B 325 17.63 -25.29 25.50
C SER B 325 16.20 -25.59 25.89
N TRP B 326 15.41 -26.02 24.92
CA TRP B 326 14.04 -26.38 25.17
C TRP B 326 13.95 -27.50 26.21
N ASP B 327 14.94 -28.39 26.16
CA ASP B 327 15.02 -29.55 27.06
C ASP B 327 15.17 -29.16 28.52
N ASP B 328 15.74 -27.97 28.79
CA ASP B 328 15.90 -27.47 30.18
C ASP B 328 14.58 -27.16 30.87
N LYS B 329 13.49 -27.19 30.12
CA LYS B 329 12.20 -26.67 30.58
C LYS B 329 11.72 -27.29 31.90
N CYS B 330 11.63 -28.62 31.95
CA CYS B 330 11.10 -29.28 33.17
C CYS B 330 12.10 -29.39 34.32
N LYS B 331 13.35 -29.00 34.08
CA LYS B 331 14.28 -28.81 35.16
C LYS B 331 14.18 -27.36 35.70
N MET B 332 13.31 -26.55 35.11
CA MET B 332 13.12 -25.14 35.49
C MET B 332 11.63 -24.84 35.69
N PRO B 333 11.05 -25.36 36.78
CA PRO B 333 9.62 -25.28 36.98
C PRO B 333 9.13 -23.87 37.33
N TYR B 334 9.93 -23.08 38.03
CA TYR B 334 9.53 -21.70 38.39
C TYR B 334 9.38 -20.79 37.16
N THR B 335 10.30 -20.95 36.23
CA THR B 335 10.31 -20.24 34.98
C THR B 335 9.09 -20.62 34.12
N GLU B 336 8.80 -21.92 34.05
CA GLU B 336 7.56 -22.38 33.44
C GLU B 336 6.37 -21.70 34.12
N ALA B 337 6.41 -21.64 35.45
CA ALA B 337 5.26 -21.14 36.20
C ALA B 337 5.05 -19.65 35.92
N VAL B 338 6.12 -18.87 35.92
CA VAL B 338 6.03 -17.44 35.54
C VAL B 338 5.44 -17.26 34.13
N LEU B 339 5.98 -17.98 33.16
CA LEU B 339 5.48 -17.85 31.79
C LEU B 339 4.01 -18.27 31.68
N HIS B 340 3.59 -19.29 32.41
CA HIS B 340 2.18 -19.71 32.42
C HIS B 340 1.27 -18.68 33.10
N GLU B 341 1.80 -17.97 34.09
CA GLU B 341 1.01 -16.99 34.80
C GLU B 341 0.80 -15.74 33.95
N VAL B 342 1.80 -15.38 33.15
CA VAL B 342 1.65 -14.28 32.23
C VAL B 342 0.55 -14.61 31.23
N LEU B 343 0.54 -15.83 30.72
CA LEU B 343 -0.50 -16.25 29.81
C LEU B 343 -1.90 -16.18 30.45
N ARG B 344 -2.04 -16.67 31.68
CA ARG B 344 -3.34 -16.69 32.39
C ARG B 344 -3.84 -15.29 32.76
N PHE B 345 -2.90 -14.47 33.23
CA PHE B 345 -3.21 -13.17 33.78
C PHE B 345 -3.38 -12.13 32.69
N CYS B 346 -2.43 -12.06 31.78
CA CYS B 346 -2.40 -10.99 30.77
C CYS B 346 -3.31 -11.24 29.54
N ASN B 347 -3.70 -12.49 29.31
CA ASN B 347 -4.72 -12.79 28.30
C ASN B 347 -4.47 -12.09 26.97
N ILE B 348 -3.31 -12.40 26.40
CA ILE B 348 -2.88 -11.77 25.16
C ILE B 348 -3.99 -11.88 24.11
N VAL B 349 -4.72 -13.00 24.07
CA VAL B 349 -5.90 -13.13 23.22
C VAL B 349 -7.13 -13.34 24.10
N PRO B 350 -7.74 -12.22 24.58
CA PRO B 350 -8.72 -12.32 25.65
C PRO B 350 -10.08 -12.86 25.23
N LEU B 351 -10.44 -12.70 23.94
CA LEU B 351 -11.74 -13.17 23.42
C LEU B 351 -11.58 -14.17 22.28
N GLY B 352 -10.37 -14.72 22.18
CA GLY B 352 -10.05 -15.69 21.16
C GLY B 352 -10.24 -15.05 19.81
N ILE B 353 -10.54 -15.91 18.83
CA ILE B 353 -10.99 -15.50 17.51
C ILE B 353 -12.45 -15.91 17.43
N PHE B 354 -13.31 -15.01 17.01
CA PHE B 354 -14.75 -15.28 17.01
C PHE B 354 -15.06 -16.58 16.26
N HIS B 355 -15.94 -17.39 16.85
CA HIS B 355 -16.48 -18.58 16.19
C HIS B 355 -17.89 -18.30 15.68
N ALA B 356 -18.42 -19.22 14.88
CA ALA B 356 -19.85 -19.24 14.52
C ALA B 356 -20.33 -20.68 14.53
N THR B 357 -21.63 -20.84 14.79
CA THR B 357 -22.28 -22.15 14.76
C THR B 357 -22.49 -22.54 13.29
N SER B 358 -22.02 -23.71 12.89
CA SER B 358 -22.18 -24.20 11.52
C SER B 358 -23.54 -24.86 11.27
N GLU B 359 -24.25 -25.17 12.34
CA GLU B 359 -25.63 -25.67 12.26
C GLU B 359 -26.35 -25.11 13.48
N ASP B 360 -27.67 -25.29 13.54
CA ASP B 360 -28.43 -25.01 14.76
C ASP B 360 -27.79 -25.68 15.95
N ALA B 361 -28.06 -25.21 17.16
CA ALA B 361 -27.45 -25.79 18.35
C ALA B 361 -28.24 -25.47 19.61
N VAL B 362 -28.09 -26.33 20.62
CA VAL B 362 -28.71 -26.10 21.92
C VAL B 362 -27.62 -26.12 22.95
N VAL B 363 -27.54 -25.06 23.76
CA VAL B 363 -26.57 -24.99 24.84
C VAL B 363 -27.28 -24.47 26.09
N ARG B 364 -27.16 -25.21 27.19
CA ARG B 364 -27.82 -24.89 28.49
C ARG B 364 -29.30 -24.54 28.37
N GLY B 365 -30.00 -25.36 27.60
CA GLY B 365 -31.42 -25.18 27.34
C GLY B 365 -31.79 -23.90 26.62
N TYR B 366 -30.87 -23.39 25.80
CA TYR B 366 -31.12 -22.22 24.94
C TYR B 366 -30.87 -22.64 23.53
N SER B 367 -31.51 -21.94 22.60
CA SER B 367 -31.33 -22.25 21.19
C SER B 367 -30.37 -21.26 20.52
N ILE B 368 -29.47 -21.79 19.68
CA ILE B 368 -28.45 -21.00 19.01
C ILE B 368 -28.49 -21.30 17.52
N PRO B 369 -29.20 -20.48 16.75
CA PRO B 369 -29.36 -20.79 15.34
C PRO B 369 -28.03 -20.90 14.61
N LYS B 370 -27.99 -21.71 13.57
CA LYS B 370 -26.88 -21.76 12.65
C LYS B 370 -26.44 -20.33 12.33
N GLY B 371 -25.13 -20.10 12.20
CA GLY B 371 -24.61 -18.81 11.75
C GLY B 371 -24.46 -17.74 12.81
N THR B 372 -24.92 -18.02 14.03
CA THR B 372 -24.78 -17.06 15.12
C THR B 372 -23.31 -16.89 15.47
N THR B 373 -22.92 -15.66 15.75
CA THR B 373 -21.56 -15.37 16.23
C THR B 373 -21.42 -15.85 17.67
N VAL B 374 -20.41 -16.68 17.92
CA VAL B 374 -20.08 -17.14 19.26
C VAL B 374 -18.72 -16.56 19.64
N ILE B 375 -18.69 -15.85 20.76
CA ILE B 375 -17.49 -15.22 21.28
C ILE B 375 -17.05 -15.99 22.51
N THR B 376 -15.84 -16.54 22.48
CA THR B 376 -15.32 -17.31 23.62
C THR B 376 -14.50 -16.36 24.46
N ASN B 377 -15.05 -15.98 25.61
CA ASN B 377 -14.39 -15.09 26.57
C ASN B 377 -13.35 -15.91 27.33
N LEU B 378 -12.17 -16.06 26.72
CA LEU B 378 -11.05 -16.79 27.33
C LEU B 378 -10.58 -16.14 28.63
N TYR B 379 -10.61 -14.82 28.68
CA TYR B 379 -10.29 -14.09 29.89
C TYR B 379 -11.07 -14.55 31.11
N SER B 380 -12.35 -14.81 30.92
CA SER B 380 -13.24 -15.21 32.01
C SER B 380 -12.98 -16.65 32.46
N VAL B 381 -12.45 -17.48 31.55
CA VAL B 381 -12.04 -18.83 31.91
C VAL B 381 -10.83 -18.72 32.81
N HIS B 382 -9.93 -17.80 32.52
CA HIS B 382 -8.74 -17.64 33.31
C HIS B 382 -9.01 -16.89 34.60
N PHE B 383 -10.17 -16.26 34.72
CA PHE B 383 -10.55 -15.64 35.99
C PHE B 383 -11.76 -16.37 36.60
N ASP B 384 -12.05 -17.57 36.10
CA ASP B 384 -13.17 -18.40 36.60
C ASP B 384 -12.89 -18.93 38.01
N GLU B 385 -13.57 -18.36 39.01
CA GLU B 385 -13.26 -18.65 40.43
C GLU B 385 -13.65 -20.04 40.89
N LYS B 386 -14.39 -20.77 40.06
CA LYS B 386 -14.59 -22.17 40.27
C LYS B 386 -13.27 -22.93 40.19
N TYR B 387 -12.29 -22.38 39.43
CA TYR B 387 -11.02 -23.06 39.18
C TYR B 387 -9.75 -22.31 39.59
N TRP B 388 -9.87 -21.09 40.08
CA TRP B 388 -8.70 -20.26 40.40
C TRP B 388 -8.91 -19.51 41.72
N ARG B 389 -7.94 -19.63 42.63
CA ARG B 389 -7.95 -18.92 43.90
C ARG B 389 -7.32 -17.53 43.66
N ASP B 390 -8.10 -16.47 43.85
CA ASP B 390 -7.59 -15.08 43.74
C ASP B 390 -6.99 -14.76 42.39
N PRO B 391 -7.73 -15.05 41.30
CA PRO B 391 -7.21 -14.89 39.94
C PRO B 391 -6.79 -13.47 39.60
N GLU B 392 -7.33 -12.50 40.30
CA GLU B 392 -6.99 -11.09 40.04
C GLU B 392 -5.62 -10.71 40.60
N VAL B 393 -4.91 -11.69 41.17
CA VAL B 393 -3.50 -11.51 41.63
C VAL B 393 -2.54 -12.35 40.77
N PHE B 394 -1.48 -11.70 40.28
CA PHE B 394 -0.41 -12.35 39.55
C PHE B 394 0.44 -13.14 40.54
N HIS B 395 0.40 -14.47 40.46
CA HIS B 395 0.97 -15.34 41.48
C HIS B 395 1.48 -16.65 40.87
N PRO B 396 2.70 -16.62 40.28
CA PRO B 396 3.30 -17.76 39.58
C PRO B 396 3.30 -19.05 40.39
N GLU B 397 3.41 -18.89 41.71
CA GLU B 397 3.46 -20.01 42.66
C GLU B 397 2.20 -20.86 42.59
N ARG B 398 1.11 -20.30 42.08
CA ARG B 398 -0.13 -21.05 41.86
C ARG B 398 0.05 -22.25 40.92
N PHE B 399 1.13 -22.26 40.13
CA PHE B 399 1.43 -23.35 39.19
C PHE B 399 2.44 -24.37 39.74
N LEU B 400 2.75 -24.28 41.03
CA LEU B 400 3.67 -25.20 41.66
C LEU B 400 2.92 -26.03 42.69
N ASP B 401 3.25 -27.32 42.78
CA ASP B 401 2.69 -28.16 43.85
C ASP B 401 3.47 -27.99 45.17
N SER B 402 3.11 -28.80 46.17
CA SER B 402 3.78 -28.81 47.50
C SER B 402 5.30 -29.07 47.40
N SER B 403 5.65 -30.02 46.51
CA SER B 403 7.04 -30.42 46.24
C SER B 403 7.89 -29.43 45.41
N GLY B 404 7.31 -28.30 44.98
CA GLY B 404 8.03 -27.32 44.12
C GLY B 404 8.03 -27.61 42.62
N TYR B 405 7.29 -28.63 42.18
CA TYR B 405 7.22 -29.02 40.77
C TYR B 405 6.12 -28.27 40.02
N PHE B 406 6.16 -28.30 38.69
CA PHE B 406 5.19 -27.58 37.90
C PHE B 406 3.84 -28.30 37.78
N ALA B 407 2.80 -27.72 38.39
CA ALA B 407 1.42 -28.28 38.39
C ALA B 407 0.60 -27.83 37.17
N LYS B 408 0.20 -28.77 36.32
CA LYS B 408 -0.72 -28.47 35.21
C LYS B 408 -2.14 -28.16 35.76
N LYS B 409 -2.75 -27.09 35.25
CA LYS B 409 -4.13 -26.70 35.57
C LYS B 409 -4.98 -26.89 34.31
N GLU B 410 -6.24 -27.26 34.48
CA GLU B 410 -7.10 -27.53 33.30
C GLU B 410 -7.86 -26.30 32.83
N ALA B 411 -8.14 -25.36 33.75
CA ALA B 411 -8.83 -24.12 33.41
C ALA B 411 -7.89 -23.08 32.77
N LEU B 412 -6.87 -23.54 32.05
CA LEU B 412 -5.94 -22.67 31.35
C LEU B 412 -6.08 -22.94 29.87
N VAL B 413 -6.48 -21.93 29.10
CA VAL B 413 -6.79 -22.12 27.68
C VAL B 413 -6.42 -20.90 26.80
N PRO B 414 -5.19 -20.36 26.94
CA PRO B 414 -4.78 -19.18 26.17
C PRO B 414 -4.54 -19.48 24.71
N PHE B 415 -4.46 -20.76 24.35
CA PHE B 415 -4.41 -21.18 22.93
C PHE B 415 -5.74 -21.77 22.46
N SER B 416 -6.77 -21.62 23.30
CA SER B 416 -8.11 -22.09 22.98
C SER B 416 -8.21 -23.62 23.08
N LEU B 417 -9.32 -24.15 22.59
CA LEU B 417 -9.62 -25.58 22.55
C LEU B 417 -10.37 -25.85 21.26
N GLY B 418 -10.53 -27.13 20.92
CA GLY B 418 -11.42 -27.55 19.83
C GLY B 418 -10.72 -27.61 18.49
N ARG B 419 -11.50 -27.82 17.44
CA ARG B 419 -10.95 -27.92 16.09
C ARG B 419 -10.08 -26.72 15.71
N ARG B 420 -10.36 -25.55 16.26
CA ARG B 420 -9.66 -24.33 15.88
C ARG B 420 -8.56 -23.88 16.85
N HIS B 421 -8.23 -24.69 17.86
CA HIS B 421 -7.17 -24.39 18.86
C HIS B 421 -5.88 -23.89 18.19
N CYS B 422 -5.16 -22.98 18.83
CA CYS B 422 -3.95 -22.42 18.23
C CYS B 422 -3.11 -23.47 17.50
N LEU B 423 -2.71 -23.15 16.29
CA LEU B 423 -1.92 -24.06 15.48
C LEU B 423 -0.41 -23.90 15.75
N GLY B 424 -0.02 -22.77 16.35
CA GLY B 424 1.37 -22.51 16.62
C GLY B 424 1.71 -22.65 18.09
N GLU B 425 0.90 -23.43 18.81
CA GLU B 425 1.09 -23.50 20.25
C GLU B 425 2.50 -23.96 20.63
N HIS B 426 2.94 -25.08 20.09
CA HIS B 426 4.28 -25.60 20.41
C HIS B 426 5.39 -24.58 20.10
N LEU B 427 5.36 -24.01 18.90
CA LEU B 427 6.37 -23.04 18.50
C LEU B 427 6.38 -21.81 19.39
N ALA B 428 5.18 -21.31 19.71
CA ALA B 428 5.00 -20.16 20.57
C ALA B 428 5.65 -20.39 21.91
N ARG B 429 5.46 -21.60 22.45
CA ARG B 429 5.99 -21.96 23.77
C ARG B 429 7.51 -22.07 23.76
N MET B 430 8.06 -22.66 22.70
CA MET B 430 9.51 -22.70 22.53
C MET B 430 10.10 -21.31 22.50
N GLU B 431 9.56 -20.44 21.65
CA GLU B 431 10.04 -19.05 21.53
C GLU B 431 9.91 -18.26 22.83
N MET B 432 8.77 -18.40 23.52
CA MET B 432 8.57 -17.70 24.79
C MET B 432 9.68 -18.08 25.72
N PHE B 433 9.90 -19.39 25.84
CA PHE B 433 10.86 -19.95 26.80
C PHE B 433 12.30 -19.55 26.47
N LEU B 434 12.68 -19.70 25.20
CA LEU B 434 14.05 -19.42 24.77
C LEU B 434 14.41 -17.94 24.78
N PHE B 435 13.50 -17.09 24.32
CA PHE B 435 13.74 -15.65 24.33
C PHE B 435 13.75 -15.09 25.73
N PHE B 436 12.83 -15.58 26.55
CA PHE B 436 12.69 -15.12 27.91
C PHE B 436 13.93 -15.52 28.72
N THR B 437 14.30 -16.79 28.63
CA THR B 437 15.47 -17.25 29.35
C THR B 437 16.75 -16.65 28.75
N ALA B 438 16.92 -16.68 27.43
CA ALA B 438 18.13 -16.08 26.86
C ALA B 438 18.25 -14.62 27.29
N LEU B 439 17.13 -13.92 27.45
CA LEU B 439 17.17 -12.48 27.79
C LEU B 439 17.53 -12.23 29.25
N LEU B 440 16.86 -12.92 30.16
CA LEU B 440 17.08 -12.67 31.59
C LEU B 440 18.40 -13.26 32.07
N GLN B 441 18.89 -14.28 31.35
CA GLN B 441 20.26 -14.78 31.56
C GLN B 441 21.27 -13.68 31.41
N ARG B 442 21.12 -12.90 30.36
CA ARG B 442 22.10 -11.89 30.07
C ARG B 442 21.87 -10.54 30.77
N PHE B 443 20.62 -10.14 30.97
CA PHE B 443 20.32 -8.80 31.51
C PHE B 443 19.46 -8.80 32.76
N HIS B 444 19.73 -7.84 33.66
CA HIS B 444 18.80 -7.41 34.69
C HIS B 444 17.92 -6.30 34.12
N LEU B 445 16.61 -6.46 34.21
CA LEU B 445 15.64 -5.52 33.62
C LEU B 445 14.97 -4.66 34.68
N HIS B 446 14.88 -3.35 34.41
CA HIS B 446 14.13 -2.45 35.28
C HIS B 446 13.59 -1.19 34.58
N PHE B 447 12.60 -0.55 35.19
CA PHE B 447 12.05 0.72 34.72
C PHE B 447 13.02 1.84 35.10
N PRO B 448 13.19 2.86 34.22
CA PRO B 448 14.03 4.03 34.58
C PRO B 448 13.48 4.85 35.75
N HIS B 449 14.37 5.19 36.69
CA HIS B 449 14.00 5.81 37.96
C HIS B 449 12.90 4.97 38.64
N GLU B 450 12.94 3.66 38.36
CA GLU B 450 11.93 2.70 38.82
C GLU B 450 10.47 3.19 38.79
N LEU B 451 10.10 3.98 37.76
CA LEU B 451 8.70 4.44 37.65
C LEU B 451 7.85 3.38 36.94
N VAL B 452 6.89 2.82 37.67
CA VAL B 452 5.95 1.84 37.10
C VAL B 452 5.09 2.52 36.04
N PRO B 453 5.05 1.94 34.82
CA PRO B 453 4.25 2.53 33.77
C PRO B 453 2.78 2.05 33.82
N ASP B 454 1.99 2.51 32.87
CA ASP B 454 0.57 2.14 32.79
C ASP B 454 0.46 0.64 32.51
N LEU B 455 -0.27 -0.06 33.36
CA LEU B 455 -0.41 -1.52 33.26
C LEU B 455 -1.76 -1.97 32.70
N LYS B 456 -2.60 -1.01 32.30
CA LYS B 456 -3.87 -1.34 31.65
C LYS B 456 -3.64 -1.50 30.15
N PRO B 457 -4.19 -2.58 29.55
CA PRO B 457 -3.97 -2.80 28.13
C PRO B 457 -4.71 -1.81 27.23
N ARG B 458 -4.38 -1.88 25.95
CA ARG B 458 -5.08 -1.11 24.92
C ARG B 458 -6.27 -1.93 24.43
N LEU B 459 -7.19 -1.27 23.74
CA LEU B 459 -8.26 -1.96 23.04
C LEU B 459 -7.62 -2.64 21.82
N GLY B 460 -7.90 -3.93 21.65
CA GLY B 460 -7.48 -4.65 20.47
C GLY B 460 -7.94 -6.07 20.53
N MET B 461 -7.80 -6.79 19.43
CA MET B 461 -8.13 -8.19 19.42
C MET B 461 -7.09 -9.00 20.22
N THR B 462 -5.93 -8.40 20.43
CA THR B 462 -4.96 -8.89 21.40
C THR B 462 -4.69 -7.80 22.44
N LEU B 463 -4.30 -8.22 23.64
CA LEU B 463 -3.91 -7.29 24.68
C LEU B 463 -2.43 -7.04 24.60
N GLN B 464 -2.07 -5.77 24.44
CA GLN B 464 -0.68 -5.37 24.53
C GLN B 464 -0.56 -4.20 25.46
N PRO B 465 0.60 -4.07 26.13
CA PRO B 465 0.79 -2.93 27.01
C PRO B 465 0.90 -1.65 26.23
N GLN B 466 0.73 -0.53 26.92
CA GLN B 466 1.01 0.77 26.36
C GLN B 466 2.52 0.84 26.22
N PRO B 467 3.01 1.73 25.34
CA PRO B 467 4.49 1.84 25.21
C PRO B 467 5.13 2.14 26.56
N TYR B 468 6.15 1.37 26.92
CA TYR B 468 6.86 1.60 28.17
C TYR B 468 8.32 1.35 27.89
N LEU B 469 9.18 2.08 28.60
CA LEU B 469 10.61 1.99 28.43
C LEU B 469 11.22 1.04 29.46
N ILE B 470 12.37 0.47 29.11
CA ILE B 470 13.07 -0.43 30.00
C ILE B 470 14.59 -0.29 29.90
N CYS B 471 15.25 -0.50 31.04
CA CYS B 471 16.71 -0.61 31.10
C CYS B 471 17.15 -2.05 31.20
N ALA B 472 18.01 -2.45 30.26
CA ALA B 472 18.61 -3.76 30.24
C ALA B 472 20.07 -3.57 30.63
N GLU B 473 20.43 -4.08 31.81
CA GLU B 473 21.80 -4.02 32.31
C GLU B 473 22.36 -5.42 32.34
N ARG B 474 23.50 -5.60 31.67
CA ARG B 474 24.14 -6.90 31.59
C ARG B 474 24.65 -7.32 32.95
N ARG B 475 24.55 -8.61 33.20
CA ARG B 475 24.68 -9.13 34.54
C ARG B 475 26.13 -9.39 34.94
N HIS B 476 26.70 -10.49 34.49
CA HIS B 476 27.99 -10.96 35.02
C HIS B 476 29.16 -10.43 34.20
N HIS B 477 29.29 -9.11 34.12
CA HIS B 477 30.31 -8.49 33.27
C HIS B 477 31.75 -8.75 33.80
N HIS B 478 32.61 -9.26 32.92
CA HIS B 478 34.03 -9.49 33.21
C HIS B 478 34.91 -9.23 31.99
N HIS B 479 36.20 -8.97 32.23
CA HIS B 479 37.18 -8.79 31.16
C HIS B 479 37.98 -10.07 30.92
C1 GLC C . -17.93 -8.58 -12.04
C2 GLC C . -18.70 -7.32 -12.46
C3 GLC C . -19.79 -7.07 -11.41
C4 GLC C . -20.68 -8.29 -11.19
C5 GLC C . -19.90 -9.64 -11.08
C6 GLC C . -20.81 -10.85 -11.36
O2 GLC C . -17.83 -6.19 -12.63
O3 GLC C . -20.65 -5.98 -11.76
O4 GLC C . -21.34 -7.99 -9.96
O5 GLC C . -18.75 -9.75 -11.96
O6 GLC C . -21.46 -11.25 -10.15
C1 GLC C . -22.77 -7.90 -9.94
C2 GLC C . -23.26 -6.57 -9.30
C3 GLC C . -22.98 -6.48 -7.79
C4 GLC C . -23.32 -7.78 -7.05
C5 GLC C . -22.78 -9.01 -7.80
C6 GLC C . -23.18 -10.32 -7.11
O2 GLC C . -22.69 -5.41 -9.95
O3 GLC C . -23.73 -5.40 -7.21
O4 GLC C . -22.76 -7.73 -5.72
O5 GLC C . -23.25 -9.01 -9.17
O6 GLC C . -23.01 -11.42 -8.01
C1 GLC C . -23.66 -8.05 -4.62
C2 GLC C . -23.46 -7.10 -3.42
C3 GLC C . -22.17 -7.38 -2.63
C4 GLC C . -21.84 -8.87 -2.43
C5 GLC C . -22.19 -9.72 -3.67
C6 GLC C . -22.16 -11.21 -3.35
O2 GLC C . -23.48 -5.72 -3.88
O3 GLC C . -22.27 -6.75 -1.33
O4 GLC C . -20.42 -8.98 -2.20
O5 GLC C . -23.49 -9.41 -4.19
O6 GLC C . -20.79 -11.62 -3.35
C1 GLC C . -19.99 -9.37 -0.88
C2 GLC C . -19.21 -8.26 -0.16
C3 GLC C . -17.81 -8.04 -0.72
C4 GLC C . -17.03 -9.33 -0.96
C5 GLC C . -17.89 -10.42 -1.59
C6 GLC C . -17.16 -11.76 -1.53
O2 GLC C . -19.94 -7.03 -0.25
O3 GLC C . -17.06 -7.23 0.20
O4 GLC C . -15.99 -9.07 -1.90
O5 GLC C . -19.17 -10.55 -0.97
O6 GLC C . -17.58 -12.62 -2.58
C1 GLC C . -14.63 -9.20 -1.44
C2 GLC C . -14.01 -7.81 -1.52
C3 GLC C . -13.19 -7.49 -2.79
C4 GLC C . -12.88 -8.65 -3.74
C5 GLC C . -13.87 -9.81 -3.60
C6 GLC C . -13.60 -11.04 -4.48
O2 GLC C . -15.07 -6.83 -1.42
O3 GLC C . -11.95 -6.90 -2.40
O4 GLC C . -12.92 -8.10 -5.06
O5 GLC C . -13.91 -10.16 -2.21
O6 GLC C . -12.21 -11.31 -4.64
C1 GLC C . -11.65 -7.87 -5.70
C2 GLC C . -11.63 -6.54 -6.51
C3 GLC C . -12.64 -6.59 -7.65
C4 GLC C . -12.38 -7.86 -8.51
C5 GLC C . -12.27 -9.15 -7.66
C6 GLC C . -11.79 -10.32 -8.51
O2 GLC C . -11.90 -5.39 -5.71
O3 GLC C . -12.59 -5.37 -8.43
O4 GLC C . -13.42 -8.00 -9.50
O5 GLC C . -11.34 -8.98 -6.57
O6 GLC C . -12.83 -10.75 -9.39
C1 GLC C . -12.90 -7.93 -10.84
C2 GLC C . -13.50 -6.75 -11.63
C3 GLC C . -15.00 -6.91 -11.79
C4 GLC C . -15.48 -8.34 -12.12
C5 GLC C . -14.56 -9.51 -11.67
C6 GLC C . -14.58 -10.69 -12.67
O2 GLC C . -13.22 -5.48 -10.97
O3 GLC C . -15.43 -6.00 -12.82
O4 GLC C . -16.67 -8.53 -11.38
O5 GLC C . -13.18 -9.15 -11.53
O6 GLC C . -15.90 -11.21 -12.86
C1 GLC D . -11.86 13.54 8.32
C2 GLC D . -11.17 12.18 8.46
C3 GLC D . -11.71 11.47 9.72
C4 GLC D . -11.84 12.40 10.92
C5 GLC D . -12.28 13.86 10.65
C6 GLC D . -11.91 14.78 11.81
O2 GLC D . -11.45 11.42 7.28
O3 GLC D . -10.91 10.34 10.12
O4 GLC D . -12.86 11.76 11.67
O5 GLC D . -11.73 14.42 9.44
O6 GLC D . -12.94 15.76 11.96
C1 GLC D . -12.60 11.50 13.04
C2 GLC D . -12.94 10.02 13.31
C3 GLC D . -14.45 9.72 13.43
C4 GLC D . -15.28 10.86 14.04
C5 GLC D . -14.83 12.23 13.52
C6 GLC D . -15.65 13.38 14.11
O2 GLC D . -12.41 9.24 12.21
O3 GLC D . -14.66 8.52 14.19
O4 GLC D . -16.66 10.67 13.69
O5 GLC D . -13.42 12.39 13.80
O6 GLC D . -16.42 14.01 13.08
C1 GLC D . -17.51 10.10 14.70
C2 GLC D . -18.26 8.87 14.17
C3 GLC D . -19.20 9.26 13.01
C4 GLC D . -20.16 10.41 13.39
C5 GLC D . -19.47 11.52 14.21
C6 GLC D . -20.46 12.38 15.00
O2 GLC D . -17.33 7.81 13.87
O3 GLC D . -19.96 8.12 12.52
O4 GLC D . -20.70 11.01 12.20
O5 GLC D . -18.47 11.06 15.15
O6 GLC D . -20.44 13.71 14.47
C1 GLC D . -22.09 11.46 12.18
C2 GLC D . -22.90 10.60 11.19
C3 GLC D . -23.00 11.13 9.75
C4 GLC D . -22.93 12.64 9.60
C5 GLC D . -21.84 13.18 10.52
C6 GLC D . -21.52 14.67 10.33
O2 GLC D . -22.27 9.31 11.11
O3 GLC D . -24.22 10.70 9.18
O4 GLC D . -22.53 12.83 8.24
O5 GLC D . -22.22 12.86 11.86
O6 GLC D . -22.60 15.49 10.73
C1 GLC D . -23.47 13.40 7.32
C2 GLC D . -23.53 12.66 5.96
C3 GLC D . -22.12 12.68 5.34
C4 GLC D . -21.55 14.10 5.23
C5 GLC D . -21.67 14.85 6.56
C6 GLC D . -21.35 16.34 6.45
O2 GLC D . -24.13 11.33 6.07
O3 GLC D . -22.06 12.11 4.02
O4 GLC D . -20.17 13.96 4.85
O5 GLC D . -23.02 14.73 7.07
O6 GLC D . -20.32 16.67 7.39
C1 GLC D . -19.74 14.75 3.74
C2 GLC D . -18.88 13.96 2.72
C3 GLC D . -17.36 13.99 3.01
C4 GLC D . -16.88 15.23 3.78
C5 GLC D . -17.83 15.64 4.88
C6 GLC D . -17.29 16.83 5.65
O2 GLC D . -19.34 12.59 2.59
O3 GLC D . -16.57 13.95 1.81
O4 GLC D . -15.68 14.88 4.43
O5 GLC D . -19.08 15.90 4.28
O6 GLC D . -18.36 17.63 6.15
C1 GLC D . -14.54 15.69 4.21
C2 GLC D . -13.44 14.70 3.85
C3 GLC D . -13.08 13.83 5.06
C4 GLC D . -12.86 14.65 6.34
C5 GLC D . -13.98 15.69 6.58
C6 GLC D . -13.60 16.64 7.71
O2 GLC D . -13.90 13.88 2.76
O3 GLC D . -11.91 13.03 4.79
O4 GLC D . -12.95 13.69 7.37
O5 GLC D . -14.25 16.45 5.40
O6 GLC D . -14.41 17.83 7.62
CHA HEM E . 0.91 20.12 -16.28
CHA HEM E . 0.91 19.82 -16.06
CHB HEM E . 1.73 17.82 -20.48
CHB HEM E . 5.28 18.36 -14.55
CHC HEM E . 6.13 16.70 -18.88
CHC HEM E . 6.12 16.44 -18.90
CHD HEM E . 4.67 17.69 -14.38
CHD HEM E . 2.14 18.49 -20.60
C1A HEM E . 0.74 19.64 -17.56
C1A HEM E . 2.01 19.56 -15.27
C2A HEM E . -0.41 19.86 -18.44
C2A HEM E . 2.12 19.85 -13.85
C3A HEM E . -0.17 19.21 -19.58
C3A HEM E . 3.32 19.46 -13.44
C4A HEM E . 1.14 18.57 -19.49
C4A HEM E . 4.01 18.89 -14.57
CMA HEM E . -1.11 19.15 -20.81
CMA HEM E . 3.87 19.56 -12.00
CAA HEM E . -1.72 20.63 -18.15
CAA HEM E . 1.04 20.52 -13.00
CBA HEM E . -1.53 21.98 -17.47
CBA HEM E . 1.29 22.01 -13.04
CGA HEM E . -2.90 22.57 -17.23
CGA HEM E . 0.37 22.73 -12.08
O1A HEM E . -3.30 22.64 -16.05
O1A HEM E . 0.83 23.71 -11.45
O2A HEM E . -3.58 22.97 -18.22
O2A HEM E . -0.81 22.33 -11.94
C1B HEM E . 3.03 17.36 -20.46
C1B HEM E . 5.90 17.76 -15.62
C2B HEM E . 3.80 16.83 -21.58
C2B HEM E . 7.27 17.29 -15.64
C3B HEM E . 5.02 16.52 -21.12
C3B HEM E . 7.50 16.76 -16.84
C4B HEM E . 5.06 16.86 -19.71
C4B HEM E . 6.28 16.87 -17.61
CMB HEM E . 3.29 16.65 -23.03
CMB HEM E . 8.26 17.43 -14.44
CAB HEM E . 6.22 15.93 -21.88
CAB HEM E . 8.80 16.12 -17.41
CBB HEM E . 6.14 15.63 -23.18
CBB HEM E . 9.92 16.02 -16.70
C1C HEM E . 6.10 16.85 -17.52
C1C HEM E . 5.10 16.79 -19.75
C2C HEM E . 7.21 16.56 -16.62
C2C HEM E . 4.93 16.32 -21.13
C3C HEM E . 6.80 16.83 -15.38
C3C HEM E . 3.81 16.89 -21.60
C4C HEM E . 5.43 17.30 -15.45
C4C HEM E . 3.26 17.72 -20.53
CMC HEM E . 8.59 16.03 -17.08
CMC HEM E . 5.89 15.35 -21.85
CAC HEM E . 7.58 16.71 -14.05
CAC HEM E . 3.17 16.75 -23.00
CBC HEM E . 8.83 16.27 -14.03
CBC HEM E . 3.69 15.97 -23.95
C1D HEM E . 3.55 18.47 -14.44
C1D HEM E . 1.43 19.00 -19.56
C2D HEM E . 2.88 19.06 -13.31
C2D HEM E . 0.12 19.60 -19.67
C3D HEM E . 1.71 19.83 -13.92
C3D HEM E . -0.26 20.02 -18.27
C4D HEM E . 1.78 19.61 -15.34
C4D HEM E . 0.85 19.63 -17.43
CMD HEM E . 3.27 18.95 -11.82
CMD HEM E . -0.73 19.78 -20.96
CAD HEM E . 0.65 20.66 -13.16
CAD HEM E . -1.58 20.68 -17.87
CBD HEM E . 1.21 22.06 -12.97
CBD HEM E . -1.36 22.04 -17.24
CGD HEM E . 0.24 22.92 -12.18
CGD HEM E . -2.71 22.68 -17.08
O1D HEM E . 0.53 24.12 -11.96
O1D HEM E . -3.58 22.04 -16.45
O2D HEM E . -0.85 22.41 -11.80
O2D HEM E . -2.92 23.82 -17.59
NA HEM E . 1.66 18.87 -18.24
NA HEM E . 3.19 18.97 -15.67
NB HEM E . 3.84 17.36 -19.34
NB HEM E . 5.32 17.48 -16.83
NC HEM E . 5.04 17.31 -16.77
NC HEM E . 4.07 17.63 -19.43
ND HEM E . 2.88 18.81 -15.61
ND HEM E . 1.82 19.04 -18.22
FE HEM E . 3.41 18.16 -17.49
FE HEM E . 3.75 18.56 -17.57
O30 V2H F . 1.25 10.68 -4.77
CAN V2H F . 0.07 9.92 -5.04
CAO V2H F . -0.31 9.13 -3.79
CAZ V2H F . -1.70 8.46 -3.82
OAG V2H F . -1.70 7.30 -4.64
CAT V2H F . -1.08 10.80 -5.46
CAA V2H F . -0.95 12.09 -5.73
CAU V2H F . -2.34 10.10 -5.56
CAS V2H F . -2.78 9.44 -4.27
CAH V2H F . -3.11 9.97 -6.66
CAI V2H F . -2.81 10.55 -7.99
CAV V2H F . -3.60 10.33 -9.09
CAM V2H F . -4.83 9.43 -9.04
CAL V2H F . -5.95 9.86 -9.98
CAR V2H F . -5.53 10.47 -11.31
CBC V2H F . -4.51 11.56 -11.09
CBA V2H F . -3.29 10.89 -10.45
CAF V2H F . -5.12 12.66 -10.21
CBB V2H F . -3.90 12.09 -12.40
CAQ V2H F . -2.53 12.64 -11.92
CAP V2H F . -2.22 11.98 -10.57
CAY V2H F . -4.72 13.11 -13.24
CAE V2H F . -5.87 12.47 -14.01
CAK V2H F . -3.83 13.88 -14.21
CAJ V2H F . -3.13 13.26 -15.16
CAX V2H F . -2.25 14.07 -16.11
CAD V2H F . -2.78 13.99 -17.54
CAW V2H F . -0.76 13.64 -16.05
CAB V2H F . 0.06 14.41 -17.10
CAC V2H F . -0.56 12.13 -16.21
CHA HEM G . -5.63 -19.47 16.77
CHA HEM G . -5.44 -19.40 16.67
CHB HEM G . -3.52 -17.87 20.80
CHB HEM G . -1.04 -19.23 14.67
CHC HEM G . 0.79 -18.22 18.66
CHC HEM G . 0.83 -17.98 18.94
CHD HEM G . -1.31 -19.32 14.46
CHD HEM G . -3.58 -17.91 20.94
C1A HEM G . -5.44 -19.06 18.06
C1A HEM G . -4.41 -19.44 15.76
C2A HEM G . -6.45 -18.97 19.10
C2A HEM G . -4.54 -19.70 14.34
C3A HEM G . -5.85 -18.51 20.20
C3A HEM G . -3.34 -19.65 13.78
C4A HEM G . -4.45 -18.33 19.91
C4A HEM G . -2.39 -19.35 14.83
CMA HEM G . -6.54 -18.25 21.54
CMA HEM G . -3.02 -19.86 12.29
CAA HEM G . -7.97 -19.27 19.00
CAA HEM G . -5.86 -19.98 13.60
CBA HEM G . -8.28 -20.60 18.33
CBA HEM G . -6.14 -21.48 13.60
CGA HEM G . -9.77 -20.72 18.08
CGA HEM G . -7.21 -21.79 12.57
O1A HEM G . -10.23 -20.07 17.12
O1A HEM G . -8.24 -21.06 12.54
O2A HEM G . -10.48 -21.47 18.81
O2A HEM G . -7.02 -22.77 11.77
C1B HEM G . -2.17 -17.81 20.56
C1B HEM G . -0.17 -18.97 15.67
C2B HEM G . -1.18 -17.37 21.52
C2B HEM G . 1.26 -19.04 15.55
C3B HEM G . 0.02 -17.46 20.93
C3B HEM G . 1.79 -18.70 16.73
C4B HEM G . -0.20 -17.97 19.58
C4B HEM G . 0.69 -18.38 17.63
CMB HEM G . -1.48 -16.87 22.95
CMB HEM G . 1.98 -19.47 14.26
CAB HEM G . 1.38 -17.10 21.54
CAB HEM G . 3.27 -18.63 17.13
CBB HEM G . 1.48 -16.64 22.79
CBB HEM G . 4.23 -18.93 16.26
C1C HEM G . 0.59 -18.53 17.34
C1C HEM G . -0.21 -17.79 19.83
C2C HEM G . 1.62 -18.67 16.33
C2C HEM G . -0.07 -17.24 21.16
C3C HEM G . 1.03 -18.97 15.17
C3C HEM G . -1.29 -17.20 21.72
C4C HEM G . -0.38 -19.04 15.41
C4C HEM G . -2.22 -17.75 20.76
CMC HEM G . 3.13 -18.47 16.59
CMC HEM G . 1.27 -16.76 21.77
CAC HEM G . 1.66 -19.23 13.78
CAC HEM G . -1.67 -16.69 23.13
CBC HEM G . 2.98 -19.14 13.58
CBC HEM G . -0.76 -16.19 23.96
C1D HEM G . -2.65 -19.46 14.70
C1D HEM G . -4.48 -18.24 19.97
C2D HEM G . -3.61 -19.77 13.67
C2D HEM G . -5.91 -18.15 20.12
C3D HEM G . -4.94 -19.81 14.39
C3D HEM G . -6.49 -18.62 18.78
C4D HEM G . -4.67 -19.53 15.78
C4D HEM G . -5.35 -18.94 17.96
CMD HEM G . -3.35 -20.01 12.17
CMD HEM G . -6.72 -17.70 21.35
CAD HEM G . -6.30 -20.12 13.78
CAD HEM G . -7.98 -18.69 18.42
CBD HEM G . -6.46 -21.63 13.87
CBD HEM G . -8.56 -20.09 18.35
CGD HEM G . -7.72 -22.06 13.18
CGD HEM G . -10.07 -19.98 18.41
O1D HEM G . -7.88 -23.29 12.97
O1D HEM G . -10.62 -19.50 19.44
O2D HEM G . -8.56 -21.18 12.85
O2D HEM G . -10.70 -20.39 17.40
NA HEM G . -4.22 -18.67 18.60
NA HEM G . -3.06 -19.23 16.03
NB HEM G . -1.55 -18.18 19.39
NB HEM G . -0.49 -18.55 16.94
NC HEM G . -0.62 -18.78 16.74
NC HEM G . -1.54 -18.09 19.62
ND HEM G . -3.29 -19.32 15.92
ND HEM G . -4.19 -18.71 18.69
FE HEM G . -2.36 -19.15 17.62
FE HEM G . -2.28 -18.57 17.80
O30 V2H H . -2.73 -11.71 4.31
CAN V2H H . -3.50 -10.54 4.57
CAO V2H H . -3.83 -9.88 3.22
CAZ V2H H . -4.77 -8.66 3.34
OAG V2H H . -4.10 -7.60 4.03
CAT V2H H . -4.78 -10.87 5.29
CAA V2H H . -5.04 -12.09 5.75
CAU V2H H . -5.72 -9.75 5.39
CAS V2H H . -6.05 -9.03 4.09
CAH V2H H . -6.30 -9.33 6.52
CAI V2H H . -6.07 -9.92 7.84
CAV V2H H . -6.64 -9.38 8.94
CAM V2H H . -7.51 -8.14 8.84
CAL V2H H . -8.39 -7.79 10.05
CAR V2H H . -8.14 -8.55 11.35
CBC V2H H . -7.70 -9.97 11.10
CBA V2H H . -6.41 -9.92 10.30
CAF V2H H . -8.77 -10.74 10.34
CBB V2H H . -7.24 -10.65 12.37
CAQ V2H H . -6.31 -11.74 11.83
CAP V2H H . -5.89 -11.34 10.41
CAY V2H H . -8.32 -11.21 13.30
CAE V2H H . -9.16 -10.14 14.01
CAK V2H H . -7.73 -12.15 14.36
CAJ V2H H . -6.72 -11.81 15.15
CAX V2H H . -6.20 -12.79 16.18
CAD V2H H . -6.45 -12.23 17.58
CAW V2H H . -4.72 -13.10 15.96
CAB V2H H . -4.27 -14.30 16.82
CAC V2H H . -3.84 -11.87 16.21
#